data_1E3W
#
_entry.id   1E3W
#
_cell.length_a   57.603
_cell.length_b   67.426
_cell.length_c   67.500
_cell.angle_alpha   65.22
_cell.angle_beta   73.27
_cell.angle_gamma   75.67
#
_symmetry.space_group_name_H-M   'P 1'
#
loop_
_entity.id
_entity.type
_entity.pdbx_description
1 polymer 'SHORT CHAIN 3-HYDROXYACYL-COA DEHYDROGENASE'
2 polymer 'SHORT CHAIN 3-HYDROXYACYL-COA DEHYDROGENASE'
3 non-polymer NICOTINAMIDE-ADENINE-DINUCLEOTIDE
4 non-polymer 2-AMINO-2-HYDROXYMETHYL-PROPANE-1,3-DIOL
5 non-polymer 'SULFATE ION'
6 non-polymer 'ACETOACETIC ACID'
7 water water
#
loop_
_entity_poly.entity_id
_entity_poly.type
_entity_poly.pdbx_seq_one_letter_code
_entity_poly.pdbx_strand_id
1 'polypeptide(L)'
;MAAAVRSVKGLVAVITGGASGLGLSTAKRLVGQGATAVLLDVPNSEGETEAKKLGGNCIFAPANVTSEKEVQAALTLAKE
KFGRIDVAVNCAGIAVAIKTYHEKKNQVHTLEDFQRVINVNLIGTFNVIRLVAGVMGQNEPDQGGQRGVIINTASVAAFE
GQVGQAAYSASKGGIVGMTLPIARDLAPIGIRVVTIAPGLFATPLLTTLPDTVRNFLASQVPFPSRLGDPAEYAHLVQMV
IENPFLNGEVIRLDGAIRMQP
;
A
2 'polypeptide(L)'
;MAAAVRSVKGLVAVITGGASGLGLSTAKRLVGQGATAVLLDVPNSEGETEAKKLGGNCIFAPANVTSEKEVQAALTLAKE
KFGRIDVAVNCAGIAVAIKTYHEKKNQVHTLEDFQRVINVNLIGTFNVIRLVAGVMGQNEPDQGGQRGVIINTASVAAFE
GQVGQAAYSASKGGIVGMTLPIARDLAPIGIRVVTIAPGLFATPLLTTLPDKVRNFLASQVPFPSRLGDPAEYAHLVQMV
IENPFLNGEVIRLDGAIRMQP
;
B,C,D
#
loop_
_chem_comp.id
_chem_comp.type
_chem_comp.name
_chem_comp.formula
AAE non-polymer 'ACETOACETIC ACID' 'C4 H6 O3'
NAD non-polymer NICOTINAMIDE-ADENINE-DINUCLEOTIDE 'C21 H27 N7 O14 P2'
SO4 non-polymer 'SULFATE ION' 'O4 S -2'
TRS non-polymer 2-AMINO-2-HYDROXYMETHYL-PROPANE-1,3-DIOL 'C4 H12 N O3 1'
#
# COMPACT_ATOMS: atom_id res chain seq x y z
N SER A 7 29.34 9.63 -0.03
CA SER A 7 30.24 8.89 -0.94
C SER A 7 30.35 7.40 -0.61
N VAL A 8 30.47 6.59 -1.67
CA VAL A 8 30.71 5.18 -1.56
C VAL A 8 32.18 4.81 -1.70
N LYS A 9 33.04 5.79 -1.91
CA LYS A 9 34.47 5.49 -2.10
C LYS A 9 35.00 4.66 -0.94
N GLY A 10 35.71 3.53 -1.24
CA GLY A 10 36.24 2.73 -0.12
C GLY A 10 35.32 1.69 0.49
N LEU A 11 34.05 1.75 0.17
CA LEU A 11 33.14 0.70 0.65
C LEU A 11 33.31 -0.60 -0.09
N VAL A 12 33.05 -1.72 0.62
CA VAL A 12 33.09 -3.03 -0.02
C VAL A 12 31.60 -3.56 -0.19
N ALA A 13 31.31 -3.81 -1.43
CA ALA A 13 29.95 -4.27 -1.77
C ALA A 13 29.99 -5.67 -2.37
N VAL A 14 29.08 -6.53 -1.91
CA VAL A 14 28.89 -7.84 -2.51
C VAL A 14 27.58 -7.71 -3.34
N ILE A 15 27.59 -8.00 -4.58
CA ILE A 15 26.41 -7.81 -5.44
C ILE A 15 26.02 -9.14 -6.08
N THR A 16 24.93 -9.72 -5.60
CA THR A 16 24.45 -10.99 -6.15
C THR A 16 23.83 -10.71 -7.49
N GLY A 17 23.87 -11.65 -8.42
CA GLY A 17 23.44 -11.39 -9.77
C GLY A 17 24.35 -10.32 -10.39
N GLY A 18 25.54 -10.22 -10.02
CA GLY A 18 26.48 -9.17 -10.46
C GLY A 18 27.00 -9.43 -11.87
N ALA A 19 26.83 -10.57 -12.51
CA ALA A 19 27.39 -10.79 -13.85
C ALA A 19 26.59 -10.13 -14.97
N SER A 20 25.31 -9.69 -14.64
CA SER A 20 24.52 -9.18 -15.74
C SER A 20 23.52 -8.13 -15.19
N GLY A 21 22.89 -7.45 -16.19
CA GLY A 21 21.75 -6.64 -15.89
C GLY A 21 21.90 -5.64 -14.77
N LEU A 22 20.93 -5.63 -13.86
CA LEU A 22 20.95 -4.63 -12.79
C LEU A 22 22.12 -4.73 -11.86
N GLY A 23 22.52 -5.98 -11.54
CA GLY A 23 23.61 -6.14 -10.57
C GLY A 23 24.95 -5.70 -11.28
N LEU A 24 25.08 -6.01 -12.55
CA LEU A 24 26.32 -5.61 -13.27
C LEU A 24 26.35 -4.12 -13.34
N SER A 25 25.24 -3.46 -13.66
CA SER A 25 25.27 -1.99 -13.75
C SER A 25 25.56 -1.35 -12.45
N THR A 26 25.08 -1.98 -11.33
CA THR A 26 25.40 -1.52 -10.03
C THR A 26 26.97 -1.56 -9.73
N ALA A 27 27.44 -2.74 -10.08
CA ALA A 27 28.94 -2.86 -9.84
C ALA A 27 29.70 -1.79 -10.62
N LYS A 28 29.30 -1.66 -11.91
CA LYS A 28 30.05 -0.61 -12.69
C LYS A 28 29.94 0.74 -12.11
N ARG A 29 28.80 1.14 -11.56
CA ARG A 29 28.69 2.46 -11.02
C ARG A 29 29.46 2.56 -9.72
N LEU A 30 29.35 1.58 -8.82
CA LEU A 30 30.03 1.70 -7.52
C LEU A 30 31.58 1.63 -7.71
N VAL A 31 32.05 0.79 -8.59
CA VAL A 31 33.48 0.72 -8.83
C VAL A 31 33.90 2.02 -9.46
N GLY A 32 33.17 2.61 -10.33
CA GLY A 32 33.55 3.89 -10.99
C GLY A 32 33.59 4.96 -9.89
N GLN A 33 32.85 4.88 -8.81
CA GLN A 33 32.88 5.80 -7.69
C GLN A 33 33.86 5.43 -6.62
N GLY A 34 34.73 4.43 -6.85
CA GLY A 34 35.76 4.12 -5.81
C GLY A 34 35.57 2.97 -4.91
N ALA A 35 34.29 2.32 -5.05
CA ALA A 35 34.05 1.20 -4.12
C ALA A 35 34.70 -0.03 -4.72
N THR A 36 34.75 -1.07 -3.87
CA THR A 36 35.21 -2.39 -4.32
C THR A 36 33.93 -3.28 -4.45
N ALA A 37 33.92 -4.12 -5.47
CA ALA A 37 32.73 -4.96 -5.63
C ALA A 37 33.16 -6.40 -5.86
N VAL A 38 32.34 -7.27 -5.23
CA VAL A 38 32.45 -8.71 -5.44
C VAL A 38 31.16 -9.09 -6.20
N LEU A 39 31.30 -9.63 -7.39
CA LEU A 39 30.21 -10.11 -8.19
C LEU A 39 29.96 -11.52 -7.72
N LEU A 40 28.71 -11.81 -7.15
CA LEU A 40 28.41 -13.14 -6.72
C LEU A 40 27.38 -13.67 -7.75
N ASP A 41 27.70 -14.67 -8.55
CA ASP A 41 26.85 -15.14 -9.64
C ASP A 41 27.20 -16.59 -9.97
N VAL A 42 26.40 -17.28 -10.69
CA VAL A 42 26.73 -18.71 -10.94
C VAL A 42 27.91 -18.84 -11.85
N PRO A 43 28.62 -20.01 -11.80
CA PRO A 43 29.79 -20.24 -12.63
C PRO A 43 29.52 -20.12 -14.08
N ASN A 44 28.33 -20.50 -14.59
CA ASN A 44 28.05 -20.39 -16.02
C ASN A 44 27.78 -18.99 -16.52
N SER A 45 27.79 -18.02 -15.65
CA SER A 45 27.56 -16.60 -16.05
C SER A 45 28.86 -16.02 -16.62
N GLU A 46 28.86 -14.78 -17.04
CA GLU A 46 30.03 -14.04 -17.52
C GLU A 46 30.69 -13.29 -16.39
N GLY A 47 30.51 -13.75 -15.16
CA GLY A 47 31.09 -13.15 -14.00
C GLY A 47 32.60 -12.81 -14.17
N GLU A 48 33.35 -13.84 -14.56
CA GLU A 48 34.82 -13.62 -14.60
C GLU A 48 35.10 -12.59 -15.67
N THR A 49 34.56 -12.59 -16.83
CA THR A 49 34.80 -11.61 -17.86
C THR A 49 34.50 -10.23 -17.33
N GLU A 50 33.30 -10.12 -16.70
CA GLU A 50 32.92 -8.76 -16.28
C GLU A 50 33.73 -8.28 -15.13
N ALA A 51 34.23 -9.17 -14.25
CA ALA A 51 35.04 -8.69 -13.16
C ALA A 51 36.41 -8.23 -13.74
N LYS A 52 36.85 -8.88 -14.81
CA LYS A 52 38.16 -8.50 -15.41
C LYS A 52 38.00 -7.13 -16.00
N LYS A 53 36.91 -6.93 -16.77
CA LYS A 53 36.71 -5.66 -17.44
C LYS A 53 36.58 -4.52 -16.47
N LEU A 54 35.99 -4.75 -15.29
CA LEU A 54 35.88 -3.68 -14.32
C LEU A 54 37.11 -3.36 -13.52
N GLY A 55 38.15 -4.20 -13.71
CA GLY A 55 39.45 -3.88 -13.13
C GLY A 55 39.72 -4.57 -11.85
N GLY A 56 40.81 -4.15 -11.15
CA GLY A 56 41.25 -4.75 -9.93
C GLY A 56 40.44 -4.54 -8.68
N ASN A 57 39.51 -3.56 -8.68
CA ASN A 57 38.62 -3.37 -7.53
C ASN A 57 37.33 -4.17 -7.73
N CYS A 58 37.28 -5.11 -8.69
CA CYS A 58 36.09 -5.94 -8.79
C CYS A 58 36.53 -7.38 -9.00
N ILE A 59 36.08 -8.31 -8.18
CA ILE A 59 36.38 -9.71 -8.38
C ILE A 59 35.09 -10.51 -8.46
N PHE A 60 35.15 -11.67 -9.02
CA PHE A 60 34.09 -12.64 -9.18
C PHE A 60 34.23 -13.76 -8.17
N ALA A 61 33.08 -13.97 -7.44
CA ALA A 61 32.96 -15.06 -6.55
C ALA A 61 31.84 -15.97 -7.04
N PRO A 62 32.12 -17.12 -7.62
CA PRO A 62 31.10 -18.05 -8.12
C PRO A 62 30.38 -18.64 -6.91
N ALA A 63 28.98 -18.45 -6.97
CA ALA A 63 28.19 -18.96 -5.92
C ALA A 63 26.72 -18.96 -6.44
N ASN A 64 25.97 -19.97 -6.01
CA ASN A 64 24.50 -20.04 -6.17
C ASN A 64 23.91 -19.60 -4.86
N VAL A 65 23.05 -18.54 -4.95
CA VAL A 65 22.51 -17.96 -3.70
C VAL A 65 21.63 -18.92 -2.90
N THR A 66 21.22 -20.05 -3.51
CA THR A 66 20.47 -20.98 -2.67
C THR A 66 21.38 -21.90 -1.81
N SER A 67 22.68 -21.77 -2.00
CA SER A 67 23.60 -22.70 -1.24
C SER A 67 24.19 -21.99 -0.06
N GLU A 68 23.98 -22.45 1.19
CA GLU A 68 24.67 -21.84 2.32
C GLU A 68 26.19 -21.94 2.10
N LYS A 69 26.74 -23.11 1.71
CA LYS A 69 28.23 -23.25 1.69
C LYS A 69 28.77 -22.23 0.69
N GLU A 70 28.16 -22.18 -0.49
CA GLU A 70 28.76 -21.36 -1.54
C GLU A 70 28.66 -19.86 -1.19
N VAL A 71 27.55 -19.47 -0.60
CA VAL A 71 27.44 -18.04 -0.23
C VAL A 71 28.44 -17.75 0.93
N GLN A 72 28.57 -18.68 1.89
CA GLN A 72 29.56 -18.42 2.94
C GLN A 72 30.95 -18.30 2.29
N ALA A 73 31.31 -19.15 1.35
CA ALA A 73 32.61 -19.07 0.73
C ALA A 73 32.84 -17.78 -0.03
N ALA A 74 31.76 -17.25 -0.67
CA ALA A 74 31.96 -15.95 -1.36
C ALA A 74 32.11 -14.84 -0.38
N LEU A 75 31.39 -14.82 0.76
CA LEU A 75 31.57 -13.78 1.75
C LEU A 75 32.98 -13.91 2.40
N THR A 76 33.38 -15.19 2.59
CA THR A 76 34.74 -15.36 3.12
C THR A 76 35.73 -14.76 2.16
N LEU A 77 35.62 -14.99 0.87
CA LEU A 77 36.58 -14.40 -0.09
C LEU A 77 36.55 -12.89 -0.04
N ALA A 78 35.36 -12.27 0.05
CA ALA A 78 35.26 -10.81 0.13
C ALA A 78 35.89 -10.25 1.36
N LYS A 79 35.74 -10.87 2.48
CA LYS A 79 36.38 -10.45 3.73
C LYS A 79 37.91 -10.63 3.64
N GLU A 80 38.32 -11.75 3.03
CA GLU A 80 39.80 -11.97 2.95
C GLU A 80 40.34 -10.90 2.05
N LYS A 81 39.84 -10.75 0.85
CA LYS A 81 40.39 -9.81 -0.11
C LYS A 81 40.31 -8.38 0.35
N PHE A 82 39.13 -7.98 0.94
CA PHE A 82 38.94 -6.52 1.12
C PHE A 82 38.86 -6.14 2.57
N GLY A 83 38.90 -7.07 3.52
CA GLY A 83 38.90 -6.81 4.90
C GLY A 83 37.60 -6.71 5.66
N ARG A 84 36.50 -6.47 4.86
CA ARG A 84 35.23 -6.27 5.53
C ARG A 84 34.19 -6.22 4.38
N ILE A 85 32.92 -6.28 4.83
CA ILE A 85 31.82 -6.08 3.87
C ILE A 85 30.95 -4.94 4.41
N ASP A 86 30.68 -3.92 3.57
CA ASP A 86 29.86 -2.78 4.04
C ASP A 86 28.46 -2.78 3.41
N VAL A 87 28.32 -3.29 2.25
CA VAL A 87 27.09 -3.25 1.43
C VAL A 87 26.86 -4.56 0.78
N ALA A 88 25.58 -4.99 0.86
CA ALA A 88 25.21 -6.18 0.05
C ALA A 88 24.02 -5.74 -0.86
N VAL A 89 24.02 -6.12 -2.09
CA VAL A 89 22.96 -5.77 -3.06
C VAL A 89 22.50 -7.13 -3.54
N ASN A 90 21.15 -7.49 -3.33
CA ASN A 90 20.67 -8.71 -3.86
C ASN A 90 19.95 -8.51 -5.23
N CYS A 91 20.66 -8.83 -6.29
CA CYS A 91 20.07 -8.80 -7.65
C CYS A 91 19.87 -10.16 -8.26
N ALA A 92 20.43 -11.24 -7.67
CA ALA A 92 20.24 -12.58 -8.24
C ALA A 92 18.76 -12.93 -8.25
N GLY A 93 18.30 -13.35 -9.40
CA GLY A 93 16.86 -13.70 -9.55
C GLY A 93 16.61 -14.29 -10.92
N ILE A 94 15.44 -15.02 -10.97
CA ILE A 94 14.94 -15.62 -12.18
C ILE A 94 13.45 -15.23 -12.32
N ALA A 95 13.00 -15.34 -13.56
CA ALA A 95 11.52 -15.07 -13.79
C ALA A 95 11.00 -16.19 -14.63
N VAL A 96 9.66 -16.43 -14.51
CA VAL A 96 9.03 -17.40 -15.37
C VAL A 96 7.61 -16.81 -15.58
N ALA A 97 6.97 -17.23 -16.69
CA ALA A 97 5.61 -16.81 -16.97
C ALA A 97 4.79 -18.06 -17.10
N ILE A 98 4.08 -18.44 -16.06
CA ILE A 98 3.31 -19.69 -16.04
C ILE A 98 1.98 -19.36 -15.31
N LYS A 99 0.88 -19.60 -15.98
CA LYS A 99 -0.39 -19.36 -15.30
C LYS A 99 -0.64 -20.41 -14.19
N THR A 100 -1.44 -20.03 -13.21
CA THR A 100 -1.80 -20.97 -12.16
C THR A 100 -2.54 -22.15 -12.82
N TYR A 101 -3.37 -21.88 -13.80
CA TYR A 101 -4.08 -22.92 -14.55
C TYR A 101 -4.14 -22.50 -16.01
N HIS A 102 -3.45 -23.12 -16.95
CA HIS A 102 -3.38 -22.72 -18.38
C HIS A 102 -4.51 -23.45 -19.08
N GLU A 103 -5.60 -22.73 -19.35
CA GLU A 103 -6.82 -23.30 -19.88
C GLU A 103 -6.69 -24.02 -21.21
N LYS A 104 -6.05 -23.44 -22.22
CA LYS A 104 -6.03 -24.14 -23.51
C LYS A 104 -5.28 -25.46 -23.46
N LYS A 105 -4.37 -25.63 -22.46
CA LYS A 105 -3.63 -26.87 -22.37
C LYS A 105 -4.07 -27.70 -21.19
N ASN A 106 -5.04 -27.22 -20.44
CA ASN A 106 -5.48 -27.88 -19.21
C ASN A 106 -4.28 -28.22 -18.31
N GLN A 107 -3.36 -27.29 -18.13
CA GLN A 107 -2.11 -27.49 -17.43
C GLN A 107 -2.10 -26.70 -16.14
N VAL A 108 -1.99 -27.40 -15.05
CA VAL A 108 -1.82 -26.76 -13.75
C VAL A 108 -0.36 -26.32 -13.66
N HIS A 109 -0.06 -25.20 -13.05
CA HIS A 109 1.27 -24.75 -12.71
C HIS A 109 1.90 -25.89 -11.87
N THR A 110 3.15 -26.28 -12.17
CA THR A 110 3.64 -27.34 -11.33
C THR A 110 4.07 -26.84 -10.00
N LEU A 111 4.14 -27.68 -8.97
CA LEU A 111 4.64 -27.28 -7.68
C LEU A 111 6.16 -26.97 -7.77
N GLU A 112 6.89 -27.79 -8.57
CA GLU A 112 8.31 -27.59 -8.61
C GLU A 112 8.67 -26.27 -9.30
N ASP A 113 7.90 -25.80 -10.31
CA ASP A 113 8.27 -24.48 -10.87
C ASP A 113 8.01 -23.39 -9.87
N PHE A 114 6.97 -23.50 -9.05
CA PHE A 114 6.77 -22.43 -8.07
C PHE A 114 7.91 -22.50 -7.02
N GLN A 115 8.18 -23.72 -6.60
CA GLN A 115 9.25 -23.88 -5.59
C GLN A 115 10.59 -23.34 -6.12
N ARG A 116 10.94 -23.53 -7.37
CA ARG A 116 12.23 -23.07 -7.90
C ARG A 116 12.35 -21.54 -7.88
N VAL A 117 11.25 -20.87 -8.27
CA VAL A 117 11.31 -19.42 -8.26
C VAL A 117 11.37 -18.85 -6.85
N ILE A 118 10.64 -19.45 -5.90
CA ILE A 118 10.71 -19.08 -4.49
C ILE A 118 12.14 -19.28 -3.99
N ASN A 119 12.72 -20.48 -4.31
CA ASN A 119 14.02 -20.83 -3.71
C ASN A 119 15.08 -19.82 -4.23
N VAL A 120 15.14 -19.54 -5.53
CA VAL A 120 16.17 -18.59 -5.98
C VAL A 120 15.95 -17.14 -5.49
N ASN A 121 14.69 -16.67 -5.67
CA ASN A 121 14.48 -15.24 -5.48
C ASN A 121 14.25 -14.85 -4.03
N LEU A 122 13.50 -15.66 -3.29
CA LEU A 122 13.14 -15.32 -1.93
C LEU A 122 14.10 -15.96 -0.91
N ILE A 123 14.20 -17.33 -0.97
CA ILE A 123 15.06 -18.03 0.00
C ILE A 123 16.57 -17.62 -0.32
N GLY A 124 16.87 -17.48 -1.60
CA GLY A 124 18.27 -17.08 -1.94
C GLY A 124 18.54 -15.72 -1.38
N THR A 125 17.67 -14.74 -1.55
CA THR A 125 17.91 -13.40 -0.96
C THR A 125 18.01 -13.46 0.57
N PHE A 126 17.12 -14.23 1.26
CA PHE A 126 17.30 -14.34 2.73
C PHE A 126 18.66 -15.03 3.05
N ASN A 127 19.03 -16.02 2.30
CA ASN A 127 20.30 -16.76 2.62
C ASN A 127 21.40 -15.73 2.53
N VAL A 128 21.42 -14.83 1.57
CA VAL A 128 22.54 -13.82 1.57
C VAL A 128 22.32 -12.89 2.67
N ILE A 129 21.15 -12.37 2.98
CA ILE A 129 20.96 -11.41 4.04
C ILE A 129 21.49 -11.94 5.39
N ARG A 130 21.06 -13.15 5.74
CA ARG A 130 21.31 -13.65 7.08
C ARG A 130 22.83 -13.82 7.27
N LEU A 131 23.46 -14.32 6.26
CA LEU A 131 24.92 -14.55 6.40
C LEU A 131 25.76 -13.26 6.31
N VAL A 132 25.30 -12.34 5.38
CA VAL A 132 26.05 -11.07 5.34
C VAL A 132 25.80 -10.27 6.56
N ALA A 133 24.65 -10.30 7.24
CA ALA A 133 24.37 -9.52 8.41
C ALA A 133 25.43 -9.89 9.45
N GLY A 134 25.67 -11.19 9.62
CA GLY A 134 26.69 -11.55 10.65
C GLY A 134 28.06 -10.98 10.28
N VAL A 135 28.46 -10.95 9.04
CA VAL A 135 29.79 -10.38 8.65
C VAL A 135 29.75 -8.87 8.86
N MET A 136 28.67 -8.20 8.40
CA MET A 136 28.62 -6.76 8.72
C MET A 136 28.61 -6.50 10.22
N GLY A 137 28.06 -7.35 11.08
CA GLY A 137 28.09 -7.08 12.51
C GLY A 137 29.49 -7.05 13.10
N GLN A 138 30.46 -7.55 12.37
CA GLN A 138 31.84 -7.48 12.96
C GLN A 138 32.49 -6.16 12.66
N ASN A 139 31.84 -5.33 11.80
CA ASN A 139 32.44 -4.03 11.62
C ASN A 139 32.31 -3.10 12.82
N GLU A 140 33.31 -2.19 12.94
CA GLU A 140 33.08 -1.15 13.95
C GLU A 140 31.97 -0.23 13.38
N PRO A 141 31.14 0.31 14.20
CA PRO A 141 30.12 1.27 13.70
C PRO A 141 30.79 2.53 13.21
N ASP A 142 30.32 3.18 12.19
CA ASP A 142 30.72 4.54 11.79
C ASP A 142 30.22 5.53 12.83
N GLN A 143 30.43 6.83 12.55
CA GLN A 143 30.07 7.86 13.54
C GLN A 143 28.57 7.94 13.78
N GLY A 144 27.80 7.49 12.78
CA GLY A 144 26.37 7.45 12.88
C GLY A 144 25.82 6.12 13.38
N GLY A 145 26.69 5.19 13.85
CA GLY A 145 26.23 3.94 14.44
C GLY A 145 26.04 2.87 13.38
N GLN A 146 26.29 3.15 12.10
CA GLN A 146 26.01 2.18 11.04
C GLN A 146 27.14 1.19 10.77
N ARG A 147 26.75 -0.10 10.69
CA ARG A 147 27.74 -1.14 10.35
C ARG A 147 27.56 -1.66 8.92
N GLY A 148 26.41 -1.41 8.27
CA GLY A 148 26.27 -1.88 6.86
C GLY A 148 24.87 -1.51 6.32
N VAL A 149 24.73 -1.77 5.05
CA VAL A 149 23.44 -1.52 4.34
C VAL A 149 23.22 -2.70 3.42
N ILE A 150 21.92 -3.24 3.47
CA ILE A 150 21.57 -4.38 2.65
C ILE A 150 20.43 -3.84 1.77
N ILE A 151 20.57 -4.07 0.51
CA ILE A 151 19.60 -3.61 -0.54
C ILE A 151 19.11 -4.79 -1.30
N ASN A 152 17.74 -4.92 -1.32
CA ASN A 152 17.17 -6.06 -2.01
C ASN A 152 16.46 -5.62 -3.26
N THR A 153 16.25 -6.51 -4.20
CA THR A 153 15.48 -6.25 -5.43
C THR A 153 14.19 -7.04 -5.44
N ALA A 154 13.09 -6.33 -5.26
CA ALA A 154 11.75 -6.93 -5.43
C ALA A 154 11.36 -6.72 -6.86
N SER A 155 10.13 -6.17 -7.08
CA SER A 155 9.62 -5.91 -8.41
C SER A 155 8.28 -5.22 -8.23
N VAL A 156 7.84 -4.43 -9.24
CA VAL A 156 6.46 -3.97 -9.18
C VAL A 156 5.49 -5.13 -9.28
N ALA A 157 5.91 -6.35 -9.63
CA ALA A 157 5.07 -7.56 -9.61
C ALA A 157 4.64 -7.93 -8.24
N ALA A 158 5.33 -7.41 -7.16
CA ALA A 158 4.86 -7.60 -5.81
C ALA A 158 3.51 -6.92 -5.53
N PHE A 159 3.22 -5.95 -6.40
CA PHE A 159 2.01 -5.12 -6.21
C PHE A 159 0.96 -5.25 -7.34
N GLU A 160 1.46 -5.38 -8.56
CA GLU A 160 0.56 -5.54 -9.74
C GLU A 160 0.98 -6.76 -10.57
N GLY A 161 1.16 -7.90 -9.88
CA GLY A 161 1.55 -9.08 -10.65
C GLY A 161 0.69 -9.35 -11.84
N GLN A 162 1.24 -9.70 -12.99
CA GLN A 162 0.44 -9.92 -14.18
C GLN A 162 -0.04 -11.40 -14.28
N VAL A 163 -0.92 -11.67 -15.24
CA VAL A 163 -1.22 -13.09 -15.59
C VAL A 163 0.13 -13.77 -15.84
N GLY A 164 0.31 -14.96 -15.33
CA GLY A 164 1.58 -15.69 -15.54
C GLY A 164 2.63 -15.41 -14.48
N GLN A 165 2.42 -14.45 -13.58
CA GLN A 165 3.40 -14.08 -12.62
C GLN A 165 3.22 -14.55 -11.19
N ALA A 166 2.35 -15.57 -11.01
CA ALA A 166 2.11 -15.97 -9.63
C ALA A 166 3.38 -16.30 -8.84
N ALA A 167 4.24 -17.19 -9.42
CA ALA A 167 5.45 -17.56 -8.59
C ALA A 167 6.37 -16.40 -8.42
N TYR A 168 6.59 -15.63 -9.49
CA TYR A 168 7.47 -14.47 -9.41
C TYR A 168 7.01 -13.46 -8.41
N SER A 169 5.63 -13.12 -8.50
CA SER A 169 5.05 -12.18 -7.54
C SER A 169 5.05 -12.69 -6.13
N ALA A 170 4.85 -14.04 -5.93
CA ALA A 170 5.01 -14.48 -4.56
C ALA A 170 6.40 -14.29 -4.07
N SER A 171 7.41 -14.59 -4.92
CA SER A 171 8.77 -14.41 -4.41
C SER A 171 9.10 -12.97 -4.05
N LYS A 172 8.58 -12.06 -4.93
CA LYS A 172 8.91 -10.61 -4.73
C LYS A 172 8.07 -10.00 -3.63
N GLY A 173 6.85 -10.49 -3.39
CA GLY A 173 6.00 -10.09 -2.30
C GLY A 173 6.67 -10.53 -1.02
N GLY A 174 7.32 -11.75 -1.10
CA GLY A 174 7.98 -12.17 0.12
C GLY A 174 9.16 -11.24 0.52
N ILE A 175 9.89 -10.81 -0.54
CA ILE A 175 10.97 -9.83 -0.24
C ILE A 175 10.41 -8.59 0.35
N VAL A 176 9.30 -8.06 -0.23
CA VAL A 176 8.66 -6.85 0.36
C VAL A 176 8.25 -7.09 1.79
N GLY A 177 7.54 -8.20 2.03
CA GLY A 177 6.99 -8.52 3.36
C GLY A 177 8.05 -8.62 4.46
N MET A 178 9.26 -9.19 4.07
CA MET A 178 10.29 -9.31 5.10
C MET A 178 11.24 -8.11 5.21
N THR A 179 10.97 -7.05 4.41
CA THR A 179 11.91 -5.91 4.47
C THR A 179 11.88 -5.26 5.83
N LEU A 180 10.66 -4.92 6.31
CA LEU A 180 10.58 -4.27 7.63
C LEU A 180 11.02 -5.16 8.77
N PRO A 181 10.60 -6.42 8.95
CA PRO A 181 11.04 -7.16 10.14
C PRO A 181 12.57 -7.36 10.07
N ILE A 182 13.18 -7.50 8.91
CA ILE A 182 14.66 -7.58 8.93
C ILE A 182 15.28 -6.27 9.30
N ALA A 183 14.76 -5.15 8.82
CA ALA A 183 15.29 -3.87 9.30
C ALA A 183 15.10 -3.72 10.81
N ARG A 184 14.01 -4.19 11.38
CA ARG A 184 13.82 -4.06 12.81
C ARG A 184 14.82 -5.02 13.50
N ASP A 185 14.99 -6.22 13.00
CA ASP A 185 15.91 -7.20 13.61
C ASP A 185 17.32 -6.61 13.64
N LEU A 186 17.76 -5.96 12.55
CA LEU A 186 19.18 -5.54 12.51
C LEU A 186 19.34 -4.13 13.03
N ALA A 187 18.28 -3.41 13.40
CA ALA A 187 18.46 -2.06 13.92
C ALA A 187 19.42 -1.95 15.11
N PRO A 188 19.42 -2.84 16.10
CA PRO A 188 20.38 -2.79 17.19
C PRO A 188 21.82 -2.94 16.74
N ILE A 189 22.13 -3.52 15.60
CA ILE A 189 23.52 -3.59 15.20
C ILE A 189 23.84 -2.57 14.09
N GLY A 190 22.90 -1.69 13.70
CA GLY A 190 23.17 -0.64 12.76
C GLY A 190 23.26 -1.08 11.32
N ILE A 191 22.41 -2.00 10.86
CA ILE A 191 22.43 -2.40 9.44
C ILE A 191 21.09 -1.99 8.85
N ARG A 192 21.06 -1.06 7.91
CA ARG A 192 19.87 -0.67 7.21
C ARG A 192 19.47 -1.71 6.21
N VAL A 193 18.14 -1.84 5.97
CA VAL A 193 17.63 -2.81 4.99
C VAL A 193 16.57 -2.12 4.12
N VAL A 194 16.85 -2.02 2.82
CA VAL A 194 15.96 -1.28 1.92
C VAL A 194 15.74 -2.11 0.69
N THR A 195 14.52 -2.05 0.12
CA THR A 195 14.23 -2.83 -1.08
C THR A 195 13.82 -1.93 -2.23
N ILE A 196 14.36 -2.19 -3.41
CA ILE A 196 13.98 -1.48 -4.64
C ILE A 196 13.09 -2.42 -5.41
N ALA A 197 11.98 -1.80 -5.94
CA ALA A 197 11.04 -2.55 -6.76
C ALA A 197 11.08 -2.02 -8.18
N PRO A 198 11.87 -2.59 -9.08
CA PRO A 198 11.97 -2.08 -10.42
C PRO A 198 10.70 -2.39 -11.19
N GLY A 199 10.35 -1.50 -12.12
CA GLY A 199 9.36 -1.77 -13.14
C GLY A 199 9.81 -2.63 -14.26
N LEU A 200 9.99 -2.10 -15.43
CA LEU A 200 10.48 -2.82 -16.61
C LEU A 200 11.83 -2.22 -17.04
N PHE A 201 12.88 -3.03 -17.03
CA PHE A 201 14.23 -2.53 -17.35
C PHE A 201 14.85 -3.32 -18.51
N ALA A 202 15.68 -2.57 -19.26
CA ALA A 202 16.36 -3.20 -20.42
C ALA A 202 17.56 -4.07 -19.99
N THR A 203 17.23 -5.25 -19.54
CA THR A 203 18.24 -6.25 -19.21
C THR A 203 17.94 -7.51 -20.03
N PRO A 204 18.84 -8.47 -19.97
CA PRO A 204 18.66 -9.75 -20.71
C PRO A 204 17.27 -10.26 -20.44
N LEU A 205 16.78 -10.16 -19.20
CA LEU A 205 15.37 -10.54 -18.91
C LEU A 205 14.39 -10.02 -19.93
N LEU A 206 14.43 -8.77 -20.43
CA LEU A 206 13.52 -8.24 -21.40
C LEU A 206 14.08 -8.01 -22.80
N THR A 207 15.38 -7.72 -22.93
CA THR A 207 15.95 -7.39 -24.23
C THR A 207 16.08 -8.60 -25.16
N THR A 212 8.53 -5.84 -29.33
CA THR A 212 7.20 -6.01 -29.96
C THR A 212 6.31 -6.54 -28.84
N VAL A 213 6.91 -7.55 -28.22
CA VAL A 213 6.58 -8.09 -26.92
C VAL A 213 7.18 -7.02 -25.98
N ARG A 214 8.45 -6.76 -26.25
CA ARG A 214 9.26 -5.80 -25.54
C ARG A 214 8.76 -4.36 -25.66
N ASN A 215 8.72 -3.82 -26.89
CA ASN A 215 8.34 -2.42 -27.04
C ASN A 215 6.88 -2.08 -26.88
N PHE A 216 6.03 -3.10 -26.72
CA PHE A 216 4.68 -2.87 -26.26
C PHE A 216 4.77 -2.48 -24.78
N LEU A 217 5.48 -3.28 -24.02
CA LEU A 217 5.72 -3.14 -22.59
C LEU A 217 6.10 -1.69 -22.27
N ALA A 218 7.15 -1.35 -22.97
CA ALA A 218 7.85 -0.11 -23.03
C ALA A 218 6.95 1.07 -23.34
N SER A 219 6.00 0.89 -24.24
CA SER A 219 5.02 1.87 -24.60
C SER A 219 4.02 2.21 -23.50
N GLN A 220 3.92 1.36 -22.49
CA GLN A 220 3.12 1.47 -21.36
C GLN A 220 3.76 2.24 -20.21
N VAL A 221 5.01 2.58 -20.31
CA VAL A 221 5.59 3.33 -19.17
C VAL A 221 5.23 4.80 -19.35
N PRO A 222 4.56 5.44 -18.45
CA PRO A 222 4.10 6.81 -18.67
C PRO A 222 5.21 7.82 -19.02
N PHE A 223 6.23 7.93 -18.18
CA PHE A 223 7.38 8.78 -18.55
C PHE A 223 8.56 8.52 -17.59
N PRO A 224 9.78 8.41 -18.16
CA PRO A 224 10.02 8.36 -19.57
C PRO A 224 9.41 7.12 -20.23
N SER A 225 8.91 7.21 -21.48
CA SER A 225 8.23 6.14 -22.09
C SER A 225 9.15 5.16 -22.81
N ARG A 226 9.84 4.40 -21.93
CA ARG A 226 10.80 3.41 -22.41
C ARG A 226 11.14 2.46 -21.28
N LEU A 227 11.86 1.37 -21.61
CA LEU A 227 12.32 0.54 -20.49
C LEU A 227 13.34 1.35 -19.68
N GLY A 228 13.51 1.01 -18.42
CA GLY A 228 14.49 1.60 -17.50
C GLY A 228 15.85 1.17 -18.02
N ASP A 229 16.78 2.13 -17.81
CA ASP A 229 18.17 1.82 -18.10
C ASP A 229 18.78 1.30 -16.81
N PRO A 230 19.48 0.12 -16.85
CA PRO A 230 20.10 -0.41 -15.64
C PRO A 230 20.89 0.58 -14.83
N ALA A 231 21.55 1.60 -15.51
CA ALA A 231 22.31 2.57 -14.83
C ALA A 231 21.48 3.46 -13.91
N GLU A 232 20.15 3.54 -14.16
CA GLU A 232 19.18 4.23 -13.29
C GLU A 232 18.97 3.44 -12.01
N TYR A 233 18.90 2.09 -12.16
CA TYR A 233 18.83 1.29 -10.91
C TYR A 233 20.08 1.51 -10.09
N ALA A 234 21.27 1.43 -10.81
CA ALA A 234 22.51 1.65 -10.08
C ALA A 234 22.56 2.98 -9.37
N HIS A 235 22.07 4.08 -10.00
CA HIS A 235 22.04 5.35 -9.28
C HIS A 235 21.18 5.28 -8.05
N LEU A 236 20.03 4.61 -8.08
CA LEU A 236 19.22 4.55 -6.89
C LEU A 236 19.92 3.75 -5.79
N VAL A 237 20.61 2.64 -6.18
CA VAL A 237 21.40 1.93 -5.16
C VAL A 237 22.43 2.87 -4.52
N GLN A 238 23.15 3.71 -5.32
CA GLN A 238 24.14 4.59 -4.64
C GLN A 238 23.39 5.53 -3.68
N MET A 239 22.23 6.12 -4.11
CA MET A 239 21.53 6.99 -3.16
C MET A 239 21.11 6.31 -1.88
N VAL A 240 20.68 5.03 -1.99
CA VAL A 240 20.27 4.30 -0.76
C VAL A 240 21.48 4.09 0.16
N ILE A 241 22.61 3.71 -0.50
CA ILE A 241 23.81 3.55 0.37
C ILE A 241 24.16 4.84 1.04
N GLU A 242 24.08 5.99 0.32
CA GLU A 242 24.49 7.25 0.90
C GLU A 242 23.59 7.83 1.94
N ASN A 243 22.29 7.58 1.85
CA ASN A 243 21.29 8.26 2.73
C ASN A 243 21.13 7.55 4.04
N PRO A 244 21.59 8.09 5.14
CA PRO A 244 21.57 7.36 6.39
C PRO A 244 20.18 7.08 6.97
N PHE A 245 19.16 7.79 6.47
CA PHE A 245 17.88 7.68 7.21
C PHE A 245 16.88 6.82 6.42
N LEU A 246 17.28 6.26 5.30
CA LEU A 246 16.34 5.47 4.47
C LEU A 246 16.41 4.04 5.01
N ASN A 247 15.33 3.50 5.54
CA ASN A 247 15.42 2.19 6.19
C ASN A 247 14.02 1.53 6.23
N GLY A 248 13.94 0.23 5.97
CA GLY A 248 12.66 -0.49 6.18
C GLY A 248 11.70 -0.11 5.07
N GLU A 249 12.11 0.33 3.92
CA GLU A 249 11.19 0.85 2.91
C GLU A 249 11.44 0.17 1.62
N VAL A 250 10.36 0.13 0.74
CA VAL A 250 10.39 -0.35 -0.59
C VAL A 250 10.14 0.85 -1.56
N ILE A 251 11.04 0.97 -2.54
CA ILE A 251 10.93 2.09 -3.48
C ILE A 251 10.67 1.57 -4.86
N ARG A 252 9.58 2.02 -5.50
CA ARG A 252 9.32 1.68 -6.86
C ARG A 252 10.23 2.53 -7.76
N LEU A 253 10.79 1.90 -8.79
CA LEU A 253 11.64 2.59 -9.77
C LEU A 253 11.13 2.15 -11.09
N ASP A 254 10.17 2.93 -11.67
CA ASP A 254 9.34 2.35 -12.69
C ASP A 254 8.70 3.35 -13.65
N GLY A 255 9.13 4.61 -13.67
CA GLY A 255 8.59 5.49 -14.75
C GLY A 255 7.04 5.73 -14.55
N ALA A 256 6.48 5.43 -13.40
CA ALA A 256 5.07 5.59 -13.02
C ALA A 256 4.21 4.51 -13.61
N ILE A 257 4.78 3.40 -14.14
CA ILE A 257 3.91 2.35 -14.63
C ILE A 257 3.08 1.70 -13.56
N ARG A 258 1.84 1.24 -13.94
CA ARG A 258 1.08 0.28 -13.12
C ARG A 258 0.74 -0.86 -14.06
N MET A 259 1.06 -2.09 -13.56
CA MET A 259 0.96 -3.15 -14.54
C MET A 259 -0.48 -3.70 -14.72
N GLN A 260 -0.91 -3.84 -15.97
CA GLN A 260 -2.19 -4.45 -16.27
C GLN A 260 -1.96 -5.96 -16.32
N PRO A 261 -3.13 -6.66 -16.42
CA PRO A 261 -3.03 -8.13 -16.49
C PRO A 261 -2.16 -8.65 -17.61
N SER B 7 -26.03 -15.87 1.49
CA SER B 7 -26.01 -17.33 1.52
C SER B 7 -25.04 -18.22 0.75
N VAL B 8 -24.44 -19.03 1.65
CA VAL B 8 -23.50 -20.11 1.27
C VAL B 8 -24.16 -21.47 1.27
N LYS B 9 -25.50 -21.51 1.45
CA LYS B 9 -26.19 -22.79 1.57
C LYS B 9 -25.93 -23.63 0.38
N GLY B 10 -25.53 -24.91 0.60
CA GLY B 10 -25.26 -25.85 -0.47
C GLY B 10 -23.83 -25.78 -0.99
N LEU B 11 -23.01 -24.73 -0.68
CA LEU B 11 -21.68 -24.70 -1.28
C LEU B 11 -20.81 -25.77 -0.58
N VAL B 12 -19.82 -26.21 -1.37
CA VAL B 12 -18.87 -27.15 -0.73
C VAL B 12 -17.52 -26.39 -0.53
N ALA B 13 -17.12 -26.35 0.70
CA ALA B 13 -15.82 -25.65 1.07
C ALA B 13 -14.73 -26.62 1.55
N VAL B 14 -13.56 -26.46 0.98
CA VAL B 14 -12.38 -27.22 1.56
C VAL B 14 -11.60 -26.20 2.38
N ILE B 15 -11.38 -26.46 3.64
CA ILE B 15 -10.72 -25.54 4.55
C ILE B 15 -9.45 -26.19 5.06
N THR B 16 -8.31 -25.66 4.59
CA THR B 16 -7.02 -26.15 5.12
C THR B 16 -6.82 -25.53 6.47
N GLY B 17 -6.10 -26.27 7.37
CA GLY B 17 -6.01 -25.81 8.76
C GLY B 17 -7.36 -25.98 9.46
N GLY B 18 -8.26 -26.78 8.89
CA GLY B 18 -9.64 -26.85 9.44
C GLY B 18 -9.80 -27.46 10.82
N ALA B 19 -8.75 -28.16 11.34
CA ALA B 19 -8.88 -28.78 12.64
C ALA B 19 -8.83 -27.87 13.84
N SER B 20 -8.38 -26.62 13.62
CA SER B 20 -8.18 -25.76 14.77
C SER B 20 -8.35 -24.27 14.34
N GLY B 21 -8.51 -23.43 15.38
CA GLY B 21 -8.36 -22.00 15.22
C GLY B 21 -9.26 -21.42 14.14
N LEU B 22 -8.64 -20.62 13.28
CA LEU B 22 -9.48 -19.90 12.28
C LEU B 22 -10.19 -20.75 11.28
N GLY B 23 -9.51 -21.85 10.88
CA GLY B 23 -10.10 -22.73 9.88
C GLY B 23 -11.26 -23.46 10.57
N LEU B 24 -11.08 -23.97 11.79
CA LEU B 24 -12.23 -24.70 12.43
C LEU B 24 -13.40 -23.78 12.59
N SER B 25 -13.10 -22.50 13.10
CA SER B 25 -14.30 -21.60 13.34
C SER B 25 -15.00 -21.31 12.00
N THR B 26 -14.23 -21.20 10.91
CA THR B 26 -14.84 -21.02 9.58
C THR B 26 -15.75 -22.19 9.20
N ALA B 27 -15.21 -23.44 9.45
CA ALA B 27 -16.06 -24.60 9.15
C ALA B 27 -17.30 -24.59 10.00
N LYS B 28 -17.14 -24.29 11.29
CA LYS B 28 -18.39 -24.30 12.12
C LYS B 28 -19.42 -23.30 11.56
N ARG B 29 -18.97 -22.10 11.19
CA ARG B 29 -19.92 -21.10 10.72
C ARG B 29 -20.52 -21.51 9.43
N LEU B 30 -19.81 -22.01 8.45
CA LEU B 30 -20.28 -22.34 7.13
C LEU B 30 -21.18 -23.53 7.28
N VAL B 31 -20.86 -24.57 7.99
CA VAL B 31 -21.80 -25.73 8.13
C VAL B 31 -23.02 -25.25 8.86
N GLY B 32 -22.94 -24.36 9.82
CA GLY B 32 -24.20 -23.93 10.47
C GLY B 32 -25.09 -23.05 9.52
N GLN B 33 -24.51 -22.57 8.44
CA GLN B 33 -25.31 -21.81 7.42
C GLN B 33 -25.71 -22.67 6.25
N GLY B 34 -25.49 -24.02 6.34
CA GLY B 34 -25.93 -24.93 5.33
C GLY B 34 -25.02 -25.39 4.27
N ALA B 35 -23.70 -24.94 4.44
CA ALA B 35 -22.68 -25.37 3.47
C ALA B 35 -22.19 -26.75 3.98
N THR B 36 -21.36 -27.31 3.11
CA THR B 36 -20.65 -28.53 3.50
C THR B 36 -19.15 -28.18 3.57
N ALA B 37 -18.42 -28.89 4.45
CA ALA B 37 -17.01 -28.52 4.63
C ALA B 37 -16.16 -29.77 4.80
N VAL B 38 -14.94 -29.62 4.17
CA VAL B 38 -13.96 -30.69 4.27
C VAL B 38 -12.78 -30.05 5.09
N LEU B 39 -12.52 -30.57 6.24
CA LEU B 39 -11.32 -30.05 7.00
C LEU B 39 -10.09 -30.73 6.46
N LEU B 40 -9.20 -29.97 5.82
CA LEU B 40 -7.94 -30.56 5.32
C LEU B 40 -6.86 -30.16 6.33
N ASP B 41 -6.34 -31.14 7.02
CA ASP B 41 -5.37 -30.86 8.13
C ASP B 41 -4.49 -32.13 8.34
N VAL B 42 -3.45 -31.92 9.10
CA VAL B 42 -2.48 -33.09 9.18
C VAL B 42 -3.13 -34.28 9.87
N PRO B 43 -2.66 -35.51 9.59
CA PRO B 43 -3.22 -36.71 10.19
C PRO B 43 -3.21 -36.70 11.69
N ASN B 44 -2.18 -36.07 12.33
CA ASN B 44 -2.04 -36.00 13.75
C ASN B 44 -2.88 -34.93 14.42
N SER B 45 -3.67 -34.19 13.60
CA SER B 45 -4.51 -33.16 14.21
C SER B 45 -5.84 -33.87 14.71
N GLU B 46 -6.67 -32.99 15.29
CA GLU B 46 -8.02 -33.42 15.80
C GLU B 46 -9.02 -33.22 14.70
N GLY B 47 -8.71 -33.17 13.45
CA GLY B 47 -9.63 -32.95 12.38
C GLY B 47 -10.83 -33.96 12.36
N GLU B 48 -10.46 -35.24 12.54
CA GLU B 48 -11.60 -36.21 12.36
C GLU B 48 -12.62 -36.01 13.46
N THR B 49 -12.18 -35.74 14.69
CA THR B 49 -13.10 -35.60 15.81
C THR B 49 -13.87 -34.31 15.61
N GLU B 50 -13.22 -33.23 15.18
CA GLU B 50 -14.00 -31.96 14.95
C GLU B 50 -15.00 -32.22 13.78
N ALA B 51 -14.69 -32.97 12.75
CA ALA B 51 -15.54 -33.18 11.62
C ALA B 51 -16.79 -34.00 12.12
N LYS B 52 -16.47 -34.99 13.03
CA LYS B 52 -17.67 -35.80 13.50
C LYS B 52 -18.55 -34.89 14.28
N LYS B 53 -18.03 -34.06 15.23
CA LYS B 53 -18.87 -33.16 16.01
C LYS B 53 -19.73 -32.24 15.13
N LEU B 54 -19.30 -31.87 13.95
CA LEU B 54 -20.14 -31.07 13.05
C LEU B 54 -21.11 -31.85 12.19
N GLY B 55 -21.08 -33.18 12.32
CA GLY B 55 -22.08 -33.98 11.63
C GLY B 55 -21.73 -34.36 10.24
N GLY B 56 -22.70 -34.86 9.45
CA GLY B 56 -22.53 -35.43 8.16
C GLY B 56 -22.12 -34.53 7.04
N ASN B 57 -22.34 -33.21 7.27
CA ASN B 57 -21.95 -32.23 6.24
C ASN B 57 -20.54 -31.74 6.44
N CYS B 58 -19.80 -32.36 7.38
CA CYS B 58 -18.36 -31.97 7.57
C CYS B 58 -17.58 -33.29 7.65
N ILE B 59 -16.54 -33.41 6.78
CA ILE B 59 -15.67 -34.61 6.83
C ILE B 59 -14.25 -34.10 6.94
N PHE B 60 -13.32 -35.01 7.36
CA PHE B 60 -11.91 -34.71 7.42
C PHE B 60 -11.17 -35.42 6.33
N ALA B 61 -10.20 -34.65 5.78
CA ALA B 61 -9.32 -35.20 4.74
C ALA B 61 -7.90 -34.98 5.28
N PRO B 62 -7.24 -36.03 5.72
CA PRO B 62 -5.91 -35.83 6.29
C PRO B 62 -4.94 -35.58 5.15
N ALA B 63 -4.15 -34.51 5.30
CA ALA B 63 -3.19 -34.15 4.23
C ALA B 63 -2.30 -33.06 4.81
N ASN B 64 -1.06 -33.07 4.30
CA ASN B 64 -0.09 -31.97 4.51
C ASN B 64 -0.16 -31.11 3.28
N VAL B 65 -0.38 -29.79 3.46
CA VAL B 65 -0.53 -28.94 2.29
C VAL B 65 0.77 -28.81 1.49
N THR B 66 1.90 -29.27 1.96
CA THR B 66 3.13 -29.14 1.14
C THR B 66 3.28 -30.36 0.20
N SER B 67 2.39 -31.33 0.34
CA SER B 67 2.45 -32.55 -0.50
C SER B 67 1.45 -32.51 -1.66
N GLU B 68 1.91 -32.63 -2.89
CA GLU B 68 1.04 -32.69 -4.02
C GLU B 68 0.08 -33.89 -3.88
N LYS B 69 0.71 -35.05 -3.62
CA LYS B 69 -0.07 -36.28 -3.58
C LYS B 69 -1.20 -36.26 -2.55
N GLU B 70 -0.87 -35.74 -1.34
CA GLU B 70 -1.84 -35.76 -0.27
C GLU B 70 -2.94 -34.73 -0.48
N VAL B 71 -2.57 -33.55 -1.03
CA VAL B 71 -3.67 -32.60 -1.39
C VAL B 71 -4.52 -33.12 -2.53
N GLN B 72 -3.91 -33.76 -3.55
CA GLN B 72 -4.73 -34.33 -4.58
C GLN B 72 -5.75 -35.37 -4.03
N ALA B 73 -5.27 -36.15 -3.07
CA ALA B 73 -6.11 -37.19 -2.48
C ALA B 73 -7.23 -36.50 -1.71
N ALA B 74 -6.94 -35.44 -0.94
CA ALA B 74 -7.92 -34.72 -0.18
C ALA B 74 -9.01 -34.09 -1.08
N LEU B 75 -8.63 -33.48 -2.20
CA LEU B 75 -9.62 -32.89 -3.09
C LEU B 75 -10.49 -33.94 -3.78
N THR B 76 -9.86 -35.12 -4.06
CA THR B 76 -10.63 -36.21 -4.65
C THR B 76 -11.63 -36.69 -3.61
N LEU B 77 -11.27 -36.76 -2.35
CA LEU B 77 -12.20 -37.19 -1.32
C LEU B 77 -13.35 -36.20 -1.23
N ALA B 78 -13.09 -34.89 -1.32
CA ALA B 78 -14.09 -33.85 -1.23
C ALA B 78 -15.07 -34.01 -2.41
N LYS B 79 -14.54 -34.23 -3.59
CA LYS B 79 -15.38 -34.33 -4.78
C LYS B 79 -16.25 -35.59 -4.69
N GLU B 80 -15.61 -36.68 -4.24
CA GLU B 80 -16.34 -37.96 -4.15
C GLU B 80 -17.45 -37.82 -3.13
N LYS B 81 -17.21 -37.16 -1.99
CA LYS B 81 -18.25 -37.06 -0.97
C LYS B 81 -19.36 -36.06 -1.31
N PHE B 82 -18.93 -34.90 -1.80
CA PHE B 82 -19.91 -33.76 -1.89
C PHE B 82 -20.16 -33.41 -3.32
N GLY B 83 -19.48 -33.99 -4.28
CA GLY B 83 -19.75 -33.79 -5.68
C GLY B 83 -19.04 -32.73 -6.46
N ARG B 84 -18.46 -31.75 -5.75
CA ARG B 84 -17.81 -30.62 -6.46
C ARG B 84 -17.08 -29.88 -5.36
N ILE B 85 -16.34 -28.85 -5.71
CA ILE B 85 -15.73 -27.93 -4.75
C ILE B 85 -16.10 -26.50 -5.22
N ASP B 86 -16.66 -25.68 -4.33
CA ASP B 86 -17.04 -24.31 -4.67
C ASP B 86 -16.15 -23.28 -4.00
N VAL B 87 -15.61 -23.56 -2.85
CA VAL B 87 -14.86 -22.63 -2.01
C VAL B 87 -13.60 -23.33 -1.51
N ALA B 88 -12.46 -22.64 -1.52
CA ALA B 88 -11.32 -23.11 -0.73
C ALA B 88 -10.92 -22.04 0.23
N VAL B 89 -10.56 -22.35 1.44
CA VAL B 89 -10.07 -21.42 2.43
C VAL B 89 -8.73 -21.98 2.91
N ASN B 90 -7.64 -21.14 2.67
CA ASN B 90 -6.35 -21.60 3.13
C ASN B 90 -6.03 -21.05 4.55
N CYS B 91 -6.18 -21.85 5.61
CA CYS B 91 -5.80 -21.38 6.95
C CYS B 91 -4.60 -22.20 7.47
N ALA B 92 -4.17 -23.27 6.78
CA ALA B 92 -3.02 -24.05 7.33
C ALA B 92 -1.80 -23.13 7.35
N GLY B 93 -1.09 -23.13 8.51
CA GLY B 93 0.08 -22.27 8.65
C GLY B 93 0.79 -22.57 9.97
N ILE B 94 2.07 -22.11 10.01
CA ILE B 94 2.88 -22.22 11.21
C ILE B 94 3.65 -20.89 11.38
N ALA B 95 4.26 -20.71 12.55
CA ALA B 95 5.07 -19.53 12.80
C ALA B 95 6.28 -19.88 13.67
N VAL B 96 7.32 -19.08 13.48
CA VAL B 96 8.49 -19.13 14.35
C VAL B 96 8.76 -17.68 14.77
N ALA B 97 9.56 -17.51 15.81
CA ALA B 97 10.07 -16.23 16.23
C ALA B 97 11.59 -16.33 16.40
N ILE B 98 12.28 -15.98 15.30
CA ILE B 98 13.73 -16.13 15.24
C ILE B 98 14.28 -14.89 14.50
N LYS B 99 15.14 -14.15 15.20
CA LYS B 99 15.79 -13.02 14.54
C LYS B 99 16.66 -13.41 13.36
N THR B 100 16.80 -12.54 12.37
CA THR B 100 17.68 -12.78 11.23
C THR B 100 19.09 -13.04 11.74
N TYR B 101 19.48 -12.20 12.69
CA TYR B 101 20.77 -12.38 13.35
C TYR B 101 20.54 -11.94 14.78
N HIS B 102 20.99 -12.76 15.74
CA HIS B 102 20.79 -12.37 17.13
C HIS B 102 22.16 -12.09 17.82
N GLU B 103 22.56 -10.83 17.96
CA GLU B 103 23.91 -10.61 18.45
C GLU B 103 24.28 -11.30 19.76
N LYS B 104 23.50 -11.09 20.82
CA LYS B 104 23.79 -11.70 22.11
C LYS B 104 24.12 -13.16 22.06
N LYS B 105 23.54 -13.93 21.15
CA LYS B 105 23.89 -15.35 20.99
C LYS B 105 24.81 -15.57 19.84
N ASN B 106 25.13 -14.51 19.09
CA ASN B 106 25.93 -14.61 17.86
C ASN B 106 25.35 -15.64 16.91
N GLN B 107 24.01 -15.61 16.76
CA GLN B 107 23.32 -16.67 16.03
C GLN B 107 22.57 -16.18 14.78
N VAL B 108 22.97 -16.74 13.67
CA VAL B 108 22.31 -16.44 12.39
C VAL B 108 21.03 -17.27 12.38
N HIS B 109 19.99 -16.72 11.83
CA HIS B 109 18.74 -17.55 11.59
C HIS B 109 19.15 -18.70 10.69
N THR B 110 18.72 -19.92 10.95
CA THR B 110 19.08 -21.02 10.03
C THR B 110 18.31 -20.98 8.73
N LEU B 111 18.87 -21.49 7.68
CA LEU B 111 18.19 -21.53 6.38
C LEU B 111 16.97 -22.44 6.51
N GLU B 112 17.15 -23.60 7.21
CA GLU B 112 16.16 -24.62 7.26
C GLU B 112 14.91 -24.07 7.99
N ASP B 113 15.05 -23.29 9.04
CA ASP B 113 13.86 -22.76 9.74
C ASP B 113 13.10 -21.81 8.80
N PHE B 114 13.81 -20.96 8.06
CA PHE B 114 13.14 -20.07 7.08
C PHE B 114 12.48 -20.90 6.03
N GLN B 115 13.11 -21.92 5.48
CA GLN B 115 12.52 -22.72 4.39
C GLN B 115 11.25 -23.39 4.91
N ARG B 116 11.31 -23.92 6.15
CA ARG B 116 10.15 -24.66 6.66
C ARG B 116 8.85 -23.78 6.62
N VAL B 117 8.99 -22.53 7.11
CA VAL B 117 7.90 -21.59 7.24
C VAL B 117 7.42 -21.16 5.84
N ILE B 118 8.34 -20.97 4.94
CA ILE B 118 7.97 -20.66 3.55
C ILE B 118 7.26 -21.83 2.94
N ASN B 119 7.73 -23.09 3.21
CA ASN B 119 7.16 -24.25 2.52
C ASN B 119 5.74 -24.47 3.07
N VAL B 120 5.48 -24.40 4.35
CA VAL B 120 4.09 -24.68 4.80
C VAL B 120 3.18 -23.52 4.42
N ASN B 121 3.62 -22.27 4.67
CA ASN B 121 2.66 -21.13 4.59
C ASN B 121 2.44 -20.69 3.17
N LEU B 122 3.53 -20.55 2.42
CA LEU B 122 3.46 -19.98 1.07
C LEU B 122 3.32 -21.05 0.00
N ILE B 123 4.30 -21.99 -0.02
CA ILE B 123 4.22 -23.01 -1.06
C ILE B 123 2.96 -23.89 -0.79
N GLY B 124 2.70 -24.19 0.49
CA GLY B 124 1.48 -25.03 0.77
C GLY B 124 0.19 -24.32 0.33
N THR B 125 0.12 -23.00 0.57
CA THR B 125 -1.09 -22.31 0.06
C THR B 125 -1.14 -22.32 -1.45
N PHE B 126 -0.02 -22.09 -2.16
CA PHE B 126 -0.09 -22.18 -3.61
C PHE B 126 -0.43 -23.57 -4.12
N ASN B 127 0.07 -24.59 -3.44
CA ASN B 127 -0.17 -25.99 -3.78
C ASN B 127 -1.71 -26.21 -3.74
N VAL B 128 -2.35 -25.78 -2.66
CA VAL B 128 -3.84 -25.97 -2.63
C VAL B 128 -4.54 -25.18 -3.74
N ILE B 129 -4.10 -23.90 -3.87
CA ILE B 129 -4.73 -23.02 -4.88
C ILE B 129 -4.62 -23.65 -6.25
N ARG B 130 -3.44 -24.09 -6.67
CA ARG B 130 -3.30 -24.59 -8.02
C ARG B 130 -4.12 -25.85 -8.26
N LEU B 131 -4.13 -26.71 -7.23
CA LEU B 131 -4.90 -27.96 -7.47
C LEU B 131 -6.40 -27.77 -7.38
N VAL B 132 -6.87 -26.87 -6.50
CA VAL B 132 -8.35 -26.67 -6.33
C VAL B 132 -8.85 -25.88 -7.52
N ALA B 133 -8.04 -25.06 -8.17
CA ALA B 133 -8.49 -24.26 -9.29
C ALA B 133 -8.87 -25.18 -10.45
N GLY B 134 -8.15 -26.29 -10.62
CA GLY B 134 -8.50 -27.23 -11.65
C GLY B 134 -9.83 -27.92 -11.30
N VAL B 135 -10.10 -28.21 -10.03
CA VAL B 135 -11.38 -28.83 -9.66
C VAL B 135 -12.55 -27.84 -9.80
N MET B 136 -12.40 -26.61 -9.30
CA MET B 136 -13.46 -25.61 -9.47
C MET B 136 -13.70 -25.33 -10.93
N GLY B 137 -12.70 -25.42 -11.81
CA GLY B 137 -12.95 -25.16 -13.26
C GLY B 137 -13.85 -26.27 -13.84
N GLN B 138 -14.08 -27.39 -13.20
CA GLN B 138 -15.02 -28.42 -13.68
C GLN B 138 -16.45 -28.01 -13.40
N ASN B 139 -16.71 -26.98 -12.57
CA ASN B 139 -18.07 -26.58 -12.32
C ASN B 139 -18.69 -25.73 -13.44
N GLU B 140 -20.00 -25.98 -13.65
CA GLU B 140 -20.70 -25.05 -14.55
C GLU B 140 -20.76 -23.68 -13.85
N PRO B 141 -20.58 -22.61 -14.61
CA PRO B 141 -20.64 -21.27 -14.02
C PRO B 141 -22.02 -20.95 -13.48
N ASP B 142 -22.11 -20.18 -12.40
CA ASP B 142 -23.43 -19.78 -11.90
C ASP B 142 -23.91 -18.67 -12.85
N GLN B 143 -25.07 -18.07 -12.47
CA GLN B 143 -25.65 -17.03 -13.34
C GLN B 143 -24.79 -15.77 -13.46
N GLY B 144 -23.77 -15.64 -12.63
CA GLY B 144 -22.84 -14.52 -12.72
C GLY B 144 -21.48 -14.92 -13.27
N GLY B 145 -21.40 -16.17 -13.83
CA GLY B 145 -20.12 -16.54 -14.43
C GLY B 145 -19.14 -17.19 -13.42
N GLN B 146 -19.51 -17.31 -12.16
CA GLN B 146 -18.53 -17.75 -11.18
C GLN B 146 -18.49 -19.27 -11.06
N ARG B 147 -17.27 -19.75 -10.93
CA ARG B 147 -17.06 -21.18 -10.69
C ARG B 147 -16.52 -21.47 -9.32
N GLY B 148 -15.91 -20.52 -8.62
CA GLY B 148 -15.42 -20.79 -7.26
C GLY B 148 -14.91 -19.52 -6.64
N VAL B 149 -14.50 -19.62 -5.38
CA VAL B 149 -13.92 -18.55 -4.59
C VAL B 149 -12.83 -19.20 -3.70
N ILE B 150 -11.63 -18.60 -3.78
CA ILE B 150 -10.47 -19.07 -3.05
C ILE B 150 -10.14 -17.96 -2.09
N ILE B 151 -10.02 -18.24 -0.79
CA ILE B 151 -9.70 -17.20 0.22
C ILE B 151 -8.44 -17.69 0.90
N ASN B 152 -7.40 -16.82 1.03
CA ASN B 152 -6.19 -17.18 1.68
C ASN B 152 -6.06 -16.41 2.94
N THR B 153 -5.19 -16.90 3.84
CA THR B 153 -4.90 -16.20 5.08
C THR B 153 -3.43 -15.72 5.11
N ALA B 154 -3.29 -14.41 4.99
CA ALA B 154 -1.96 -13.78 5.18
C ALA B 154 -1.83 -13.39 6.65
N SER B 155 -1.51 -12.14 6.99
CA SER B 155 -1.36 -11.67 8.34
C SER B 155 -0.94 -10.20 8.19
N VAL B 156 -1.27 -9.46 9.28
CA VAL B 156 -0.69 -8.08 9.31
C VAL B 156 0.85 -8.11 9.28
N ALA B 157 1.47 -9.26 9.63
CA ALA B 157 2.94 -9.37 9.59
C ALA B 157 3.46 -9.24 8.16
N ALA B 158 2.60 -9.30 7.10
CA ALA B 158 3.00 -9.01 5.77
C ALA B 158 3.32 -7.52 5.56
N PHE B 159 2.83 -6.69 6.48
CA PHE B 159 2.94 -5.21 6.39
C PHE B 159 3.73 -4.64 7.54
N GLU B 160 3.57 -5.15 8.76
CA GLU B 160 4.36 -4.63 9.90
C GLU B 160 5.02 -5.80 10.61
N GLY B 161 5.79 -6.63 9.84
CA GLY B 161 6.44 -7.76 10.55
C GLY B 161 7.32 -7.26 11.70
N GLN B 162 7.18 -8.00 12.81
CA GLN B 162 7.89 -7.61 14.03
C GLN B 162 9.29 -8.25 14.09
N VAL B 163 10.08 -7.79 15.07
CA VAL B 163 11.38 -8.50 15.31
C VAL B 163 11.06 -9.99 15.50
N GLY B 164 11.88 -10.80 14.83
CA GLY B 164 11.69 -12.23 14.96
C GLY B 164 10.79 -12.86 13.93
N GLN B 165 10.11 -12.05 13.15
CA GLN B 165 9.12 -12.47 12.15
C GLN B 165 9.59 -12.51 10.75
N ALA B 166 10.88 -12.41 10.43
CA ALA B 166 11.27 -12.47 9.05
C ALA B 166 10.68 -13.60 8.25
N ALA B 167 10.78 -14.85 8.74
CA ALA B 167 10.30 -15.93 7.87
C ALA B 167 8.77 -15.89 7.71
N TYR B 168 8.12 -15.67 8.84
CA TYR B 168 6.63 -15.59 8.78
C TYR B 168 6.25 -14.44 7.92
N SER B 169 6.82 -13.25 8.05
CA SER B 169 6.46 -12.13 7.17
C SER B 169 6.78 -12.35 5.75
N ALA B 170 7.93 -13.03 5.45
CA ALA B 170 8.19 -13.35 4.06
C ALA B 170 7.10 -14.26 3.51
N SER B 171 6.66 -15.29 4.27
CA SER B 171 5.68 -16.24 3.77
C SER B 171 4.34 -15.49 3.52
N LYS B 172 3.98 -14.60 4.47
CA LYS B 172 2.70 -13.93 4.38
C LYS B 172 2.70 -12.78 3.34
N GLY B 173 3.84 -12.16 3.13
CA GLY B 173 4.01 -11.18 2.05
C GLY B 173 3.95 -11.82 0.71
N GLY B 174 4.42 -13.13 0.63
CA GLY B 174 4.30 -13.85 -0.64
C GLY B 174 2.82 -14.14 -0.92
N ILE B 175 2.03 -14.42 0.11
CA ILE B 175 0.59 -14.69 -0.19
C ILE B 175 -0.01 -13.38 -0.66
N VAL B 176 0.29 -12.29 0.01
CA VAL B 176 -0.22 -10.97 -0.46
C VAL B 176 0.22 -10.72 -1.89
N GLY B 177 1.52 -10.82 -2.24
CA GLY B 177 2.02 -10.52 -3.55
C GLY B 177 1.38 -11.34 -4.63
N MET B 178 1.08 -12.63 -4.36
CA MET B 178 0.50 -13.44 -5.43
C MET B 178 -1.04 -13.33 -5.49
N THR B 179 -1.72 -12.59 -4.60
CA THR B 179 -3.21 -12.60 -4.64
C THR B 179 -3.64 -12.02 -5.97
N LEU B 180 -3.16 -10.85 -6.34
CA LEU B 180 -3.62 -10.27 -7.62
C LEU B 180 -3.27 -11.05 -8.86
N PRO B 181 -2.04 -11.52 -9.11
CA PRO B 181 -1.80 -12.28 -10.35
C PRO B 181 -2.63 -13.56 -10.35
N ILE B 182 -2.86 -14.25 -9.22
CA ILE B 182 -3.70 -15.44 -9.27
C ILE B 182 -5.12 -15.08 -9.58
N ALA B 183 -5.64 -13.94 -9.03
CA ALA B 183 -7.01 -13.51 -9.40
C ALA B 183 -7.06 -13.23 -10.90
N ARG B 184 -6.00 -12.59 -11.43
CA ARG B 184 -6.00 -12.29 -12.86
C ARG B 184 -5.90 -13.56 -13.70
N ASP B 185 -5.11 -14.54 -13.25
CA ASP B 185 -4.96 -15.83 -13.97
C ASP B 185 -6.34 -16.53 -14.01
N LEU B 186 -7.08 -16.51 -12.91
CA LEU B 186 -8.31 -17.29 -12.85
C LEU B 186 -9.57 -16.50 -13.23
N ALA B 187 -9.40 -15.24 -13.60
CA ALA B 187 -10.57 -14.47 -14.05
C ALA B 187 -11.32 -15.10 -15.21
N PRO B 188 -10.67 -15.61 -16.24
CA PRO B 188 -11.38 -16.22 -17.34
C PRO B 188 -12.13 -17.51 -16.97
N ILE B 189 -11.81 -18.14 -15.83
CA ILE B 189 -12.64 -19.26 -15.49
C ILE B 189 -13.61 -18.90 -14.37
N GLY B 190 -13.62 -17.64 -13.92
CA GLY B 190 -14.64 -17.26 -12.95
C GLY B 190 -14.33 -17.74 -11.54
N ILE B 191 -13.04 -17.65 -11.13
CA ILE B 191 -12.72 -18.01 -9.75
C ILE B 191 -12.18 -16.73 -9.11
N ARG B 192 -12.84 -16.22 -8.06
CA ARG B 192 -12.30 -15.06 -7.39
C ARG B 192 -11.29 -15.48 -6.35
N VAL B 193 -10.26 -14.62 -6.11
CA VAL B 193 -9.20 -14.91 -5.15
C VAL B 193 -9.02 -13.76 -4.22
N VAL B 194 -9.23 -13.92 -2.93
CA VAL B 194 -9.16 -12.85 -1.94
C VAL B 194 -8.35 -13.31 -0.75
N THR B 195 -7.62 -12.39 -0.12
CA THR B 195 -6.84 -12.74 1.04
C THR B 195 -7.25 -11.96 2.25
N ILE B 196 -7.33 -12.60 3.38
CA ILE B 196 -7.58 -11.96 4.66
C ILE B 196 -6.26 -11.87 5.42
N ALA B 197 -6.00 -10.73 6.01
CA ALA B 197 -4.79 -10.55 6.82
C ALA B 197 -5.18 -10.31 8.26
N PRO B 198 -5.26 -11.38 9.08
CA PRO B 198 -5.63 -11.17 10.45
C PRO B 198 -4.57 -10.48 11.29
N GLY B 199 -5.00 -9.75 12.33
CA GLY B 199 -4.09 -9.17 13.29
C GLY B 199 -3.72 -10.19 14.31
N LEU B 200 -4.19 -10.05 15.50
CA LEU B 200 -3.94 -10.98 16.61
C LEU B 200 -5.24 -11.67 17.05
N PHE B 201 -5.33 -13.00 16.98
CA PHE B 201 -6.56 -13.74 17.24
C PHE B 201 -6.35 -14.80 18.32
N ALA B 202 -7.41 -15.07 19.05
CA ALA B 202 -7.31 -16.06 20.16
C ALA B 202 -7.44 -17.47 19.63
N THR B 203 -6.35 -18.01 19.10
CA THR B 203 -6.23 -19.37 18.68
C THR B 203 -4.99 -19.94 19.38
N PRO B 204 -4.72 -21.23 19.17
CA PRO B 204 -3.54 -21.85 19.78
C PRO B 204 -2.26 -21.19 19.39
N LEU B 205 -2.19 -20.64 18.17
CA LEU B 205 -1.00 -19.86 17.77
C LEU B 205 -0.70 -18.80 18.82
N LEU B 206 -1.60 -18.17 19.57
CA LEU B 206 -1.34 -17.24 20.63
C LEU B 206 -1.74 -17.69 22.04
N THR B 207 -2.78 -18.51 22.17
CA THR B 207 -3.25 -18.92 23.48
C THR B 207 -2.26 -19.86 24.19
N PHE B 216 -0.46 -8.80 27.09
CA PHE B 216 -0.17 -7.44 26.69
C PHE B 216 -0.45 -7.28 25.19
N LEU B 217 -0.51 -8.38 24.44
CA LEU B 217 -0.86 -8.32 23.01
C LEU B 217 -2.32 -7.84 22.90
N ALA B 218 -3.17 -8.41 23.76
CA ALA B 218 -4.57 -8.01 23.80
C ALA B 218 -4.69 -6.50 24.02
N SER B 219 -3.85 -5.93 24.90
CA SER B 219 -3.93 -4.52 25.20
C SER B 219 -3.47 -3.57 24.12
N GLN B 220 -2.78 -4.03 23.08
CA GLN B 220 -2.33 -3.17 22.01
C GLN B 220 -3.37 -2.98 20.87
N VAL B 221 -4.45 -3.72 20.90
CA VAL B 221 -5.47 -3.56 19.81
C VAL B 221 -6.35 -2.35 20.07
N PRO B 222 -6.40 -1.32 19.23
CA PRO B 222 -7.15 -0.09 19.47
C PRO B 222 -8.62 -0.34 19.82
N PHE B 223 -9.39 -1.01 18.99
CA PHE B 223 -10.81 -1.29 19.38
C PHE B 223 -11.35 -2.30 18.40
N PRO B 224 -12.03 -3.36 18.87
CA PRO B 224 -12.17 -3.77 20.25
C PRO B 224 -10.82 -4.12 20.91
N SER B 225 -10.58 -3.77 22.15
CA SER B 225 -9.27 -3.92 22.78
C SER B 225 -9.09 -5.32 23.36
N ARG B 226 -8.92 -6.26 22.42
CA ARG B 226 -8.81 -7.68 22.82
C ARG B 226 -8.30 -8.45 21.61
N LEU B 227 -7.93 -9.72 21.83
CA LEU B 227 -7.65 -10.55 20.67
C LEU B 227 -8.91 -10.72 19.85
N GLY B 228 -8.80 -10.99 18.58
CA GLY B 228 -9.88 -11.27 17.66
C GLY B 228 -10.46 -12.65 18.05
N ASP B 229 -11.75 -12.80 17.87
CA ASP B 229 -12.42 -14.08 18.11
C ASP B 229 -12.39 -14.78 16.79
N PRO B 230 -11.98 -16.05 16.66
CA PRO B 230 -12.04 -16.75 15.41
C PRO B 230 -13.36 -16.63 14.68
N ALA B 231 -14.46 -16.57 15.42
CA ALA B 231 -15.75 -16.46 14.70
C ALA B 231 -15.89 -15.15 13.96
N GLU B 232 -15.09 -14.12 14.24
CA GLU B 232 -15.14 -12.90 13.45
C GLU B 232 -14.37 -13.07 12.15
N TYR B 233 -13.28 -13.90 12.14
CA TYR B 233 -12.65 -14.28 10.89
C TYR B 233 -13.66 -15.11 10.09
N ALA B 234 -14.35 -16.06 10.75
CA ALA B 234 -15.33 -16.87 10.01
C ALA B 234 -16.39 -16.00 9.32
N HIS B 235 -16.90 -14.98 10.06
CA HIS B 235 -17.92 -14.06 9.44
C HIS B 235 -17.34 -13.38 8.21
N LEU B 236 -16.05 -12.94 8.34
CA LEU B 236 -15.51 -12.24 7.19
C LEU B 236 -15.36 -13.19 6.00
N VAL B 237 -14.95 -14.47 6.29
CA VAL B 237 -14.93 -15.44 5.16
C VAL B 237 -16.31 -15.55 4.48
N GLN B 238 -17.37 -15.69 5.33
CA GLN B 238 -18.71 -15.82 4.68
C GLN B 238 -19.07 -14.61 3.82
N MET B 239 -18.65 -13.44 4.31
CA MET B 239 -19.00 -12.28 3.45
C MET B 239 -18.17 -12.21 2.20
N VAL B 240 -16.92 -12.70 2.23
CA VAL B 240 -16.18 -12.73 0.97
C VAL B 240 -16.79 -13.71 0.00
N ILE B 241 -17.21 -14.91 0.62
CA ILE B 241 -17.87 -15.85 -0.34
C ILE B 241 -19.16 -15.27 -0.98
N GLU B 242 -19.88 -14.53 -0.12
CA GLU B 242 -21.19 -14.03 -0.66
C GLU B 242 -21.03 -12.85 -1.61
N ASN B 243 -19.97 -12.02 -1.49
CA ASN B 243 -19.93 -10.75 -2.29
C ASN B 243 -19.32 -11.03 -3.63
N PRO B 244 -20.06 -10.96 -4.76
CA PRO B 244 -19.53 -11.31 -6.05
C PRO B 244 -18.47 -10.36 -6.58
N PHE B 245 -18.32 -9.14 -6.02
CA PHE B 245 -17.40 -8.20 -6.66
C PHE B 245 -16.08 -8.06 -5.86
N LEU B 246 -15.92 -8.81 -4.79
CA LEU B 246 -14.66 -8.66 -4.07
C LEU B 246 -13.63 -9.61 -4.70
N ASN B 247 -12.56 -9.08 -5.20
CA ASN B 247 -11.58 -9.92 -5.91
C ASN B 247 -10.20 -9.28 -5.98
N GLY B 248 -9.20 -10.10 -5.82
CA GLY B 248 -7.80 -9.58 -5.98
C GLY B 248 -7.38 -8.64 -4.87
N GLU B 249 -7.99 -8.69 -3.71
CA GLU B 249 -7.82 -7.78 -2.61
C GLU B 249 -7.33 -8.51 -1.39
N VAL B 250 -6.66 -7.76 -0.53
CA VAL B 250 -6.27 -8.15 0.81
C VAL B 250 -7.00 -7.31 1.83
N ILE B 251 -7.61 -7.96 2.84
CA ILE B 251 -8.42 -7.25 3.81
C ILE B 251 -7.81 -7.45 5.18
N ARG B 252 -7.41 -6.42 5.92
CA ARG B 252 -6.95 -6.50 7.27
C ARG B 252 -8.09 -6.70 8.27
N LEU B 253 -7.95 -7.65 9.16
CA LEU B 253 -9.05 -7.94 10.10
C LEU B 253 -8.36 -7.89 11.46
N ASP B 254 -8.27 -6.68 12.07
CA ASP B 254 -7.27 -6.52 13.13
C ASP B 254 -7.58 -5.52 14.20
N GLY B 255 -8.81 -4.98 14.29
CA GLY B 255 -9.07 -4.01 15.39
C GLY B 255 -8.27 -2.71 15.27
N ALA B 256 -7.77 -2.38 14.10
CA ALA B 256 -7.02 -1.20 13.75
C ALA B 256 -5.61 -1.27 14.35
N ILE B 257 -5.11 -2.44 14.75
CA ILE B 257 -3.73 -2.47 15.26
C ILE B 257 -2.75 -2.17 14.12
N ARG B 258 -1.59 -1.63 14.52
CA ARG B 258 -0.41 -1.53 13.60
C ARG B 258 0.74 -2.07 14.45
N MET B 259 1.46 -3.08 13.97
CA MET B 259 2.38 -3.74 14.89
C MET B 259 3.72 -3.00 15.04
N GLN B 260 4.13 -2.86 16.30
CA GLN B 260 5.41 -2.24 16.64
C GLN B 260 6.42 -3.40 16.55
N PRO B 261 7.76 -2.91 16.60
CA PRO B 261 8.80 -3.95 16.51
C PRO B 261 8.68 -5.01 17.61
N SER C 7 23.82 15.70 -12.63
CA SER C 7 23.87 16.50 -11.35
C SER C 7 22.77 17.57 -11.37
N VAL C 8 22.78 18.43 -10.35
CA VAL C 8 21.78 19.52 -10.36
C VAL C 8 22.31 20.87 -10.77
N LYS C 9 23.60 20.94 -11.22
CA LYS C 9 24.21 22.17 -11.56
C LYS C 9 23.44 22.94 -12.63
N GLY C 10 23.18 24.24 -12.34
CA GLY C 10 22.48 25.05 -13.37
C GLY C 10 20.92 24.90 -13.23
N LEU C 11 20.39 23.91 -12.53
CA LEU C 11 18.92 23.82 -12.45
C LEU C 11 18.37 24.93 -11.57
N VAL C 12 17.13 25.32 -11.94
CA VAL C 12 16.47 26.38 -11.16
C VAL C 12 15.32 25.72 -10.36
N ALA C 13 15.41 25.80 -9.03
CA ALA C 13 14.39 25.18 -8.17
C ALA C 13 13.59 26.26 -7.46
N VAL C 14 12.27 26.04 -7.37
CA VAL C 14 11.40 26.85 -6.52
C VAL C 14 11.05 25.97 -5.28
N ILE C 15 11.27 26.41 -4.11
CA ILE C 15 11.08 25.57 -2.90
C ILE C 15 10.12 26.29 -1.97
N THR C 16 8.91 25.71 -1.93
CA THR C 16 7.93 26.33 -1.00
C THR C 16 8.27 25.91 0.39
N GLY C 17 7.99 26.71 1.46
CA GLY C 17 8.46 26.35 2.77
C GLY C 17 10.00 26.50 2.82
N GLY C 18 10.56 27.29 1.93
CA GLY C 18 12.04 27.35 1.78
C GLY C 18 12.68 28.17 2.88
N ALA C 19 11.94 28.87 3.75
CA ALA C 19 12.64 29.65 4.78
C ALA C 19 13.05 28.86 5.99
N SER C 20 12.57 27.61 6.12
CA SER C 20 12.89 26.89 7.33
C SER C 20 12.95 25.37 7.10
N GLY C 21 13.49 24.67 8.08
CA GLY C 21 13.32 23.20 8.11
C GLY C 21 13.79 22.48 6.86
N LEU C 22 12.90 21.60 6.37
CA LEU C 22 13.26 20.73 5.25
C LEU C 22 13.45 21.51 3.97
N GLY C 23 12.65 22.57 3.77
CA GLY C 23 12.77 23.33 2.53
C GLY C 23 14.10 24.16 2.58
N LEU C 24 14.39 24.72 3.75
CA LEU C 24 15.66 25.51 3.81
C LEU C 24 16.84 24.58 3.56
N SER C 25 16.81 23.40 4.21
CA SER C 25 17.95 22.45 4.05
C SER C 25 18.11 22.02 2.61
N THR C 26 17.02 21.81 1.92
CA THR C 26 17.00 21.50 0.50
C THR C 26 17.61 22.62 -0.34
N ALA C 27 17.24 23.89 -0.01
CA ALA C 27 17.84 25.04 -0.72
C ALA C 27 19.36 25.08 -0.50
N LYS C 28 19.71 24.92 0.79
CA LYS C 28 21.22 24.94 1.09
C LYS C 28 21.94 23.89 0.28
N ARG C 29 21.42 22.68 0.22
CA ARG C 29 22.13 21.65 -0.52
C ARG C 29 22.12 21.93 -1.99
N LEU C 30 21.02 22.28 -2.67
CA LEU C 30 21.02 22.45 -4.10
C LEU C 30 21.89 23.67 -4.47
N VAL C 31 21.81 24.77 -3.74
CA VAL C 31 22.71 25.89 -4.06
C VAL C 31 24.16 25.49 -3.84
N GLY C 32 24.44 24.67 -2.82
CA GLY C 32 25.84 24.20 -2.65
C GLY C 32 26.28 23.34 -3.82
N GLN C 33 25.41 22.69 -4.57
CA GLN C 33 25.70 21.85 -5.70
C GLN C 33 25.59 22.59 -7.04
N GLY C 34 25.41 23.94 -6.95
CA GLY C 34 25.43 24.67 -8.21
C GLY C 34 24.10 25.08 -8.78
N ALA C 35 22.98 24.74 -8.10
CA ALA C 35 21.67 25.08 -8.63
C ALA C 35 21.31 26.46 -8.11
N THR C 36 20.19 26.96 -8.63
CA THR C 36 19.62 28.23 -8.14
C THR C 36 18.33 27.88 -7.35
N ALA C 37 18.07 28.59 -6.27
CA ALA C 37 16.83 28.30 -5.52
C ALA C 37 16.08 29.61 -5.26
N VAL C 38 14.72 29.46 -5.43
CA VAL C 38 13.89 30.59 -5.00
C VAL C 38 13.07 30.10 -3.81
N LEU C 39 13.19 30.72 -2.67
CA LEU C 39 12.44 30.32 -1.48
C LEU C 39 11.08 31.00 -1.60
N LEU C 40 10.06 30.21 -1.57
CA LEU C 40 8.68 30.75 -1.56
C LEU C 40 8.16 30.48 -0.18
N ASP C 41 7.87 31.49 0.64
CA ASP C 41 7.48 31.32 2.00
C ASP C 41 6.72 32.60 2.43
N VAL C 42 6.11 32.60 3.56
CA VAL C 42 5.28 33.78 3.95
C VAL C 42 6.21 34.90 4.41
N PRO C 43 5.63 36.12 4.40
CA PRO C 43 6.44 37.29 4.73
C PRO C 43 6.89 37.23 6.17
N ASN C 44 6.19 36.60 7.10
CA ASN C 44 6.61 36.59 8.49
C ASN C 44 7.83 35.72 8.69
N SER C 45 8.27 34.99 7.69
CA SER C 45 9.39 34.06 7.89
C SER C 45 10.77 34.70 7.71
N GLU C 46 11.81 33.91 8.00
CA GLU C 46 13.18 34.46 7.80
C GLU C 46 13.61 34.24 6.38
N GLY C 47 12.72 34.17 5.36
CA GLY C 47 13.13 33.97 4.00
C GLY C 47 14.24 34.90 3.49
N GLU C 48 14.05 36.19 3.75
CA GLU C 48 15.03 37.15 3.20
C GLU C 48 16.40 36.92 3.78
N THR C 49 16.49 36.73 5.11
CA THR C 49 17.84 36.55 5.68
C THR C 49 18.48 35.24 5.22
N GLU C 50 17.67 34.17 5.11
CA GLU C 50 18.27 32.92 4.58
C GLU C 50 18.61 33.03 3.14
N ALA C 51 17.89 33.76 2.26
CA ALA C 51 18.26 33.88 0.88
C ALA C 51 19.51 34.75 0.76
N LYS C 52 19.65 35.75 1.62
CA LYS C 52 20.89 36.56 1.50
C LYS C 52 22.06 35.71 1.93
N LYS C 53 21.93 34.95 3.05
CA LYS C 53 23.05 34.15 3.51
C LYS C 53 23.54 33.20 2.42
N LEU C 54 22.62 32.70 1.57
CA LEU C 54 23.02 31.73 0.55
C LEU C 54 23.60 32.31 -0.71
N GLY C 55 23.60 33.65 -0.79
CA GLY C 55 24.16 34.37 -1.89
C GLY C 55 23.28 34.68 -3.06
N GLY C 56 23.83 35.06 -4.18
CA GLY C 56 23.06 35.54 -5.30
C GLY C 56 22.24 34.49 -6.02
N ASN C 57 22.63 33.21 -5.86
CA ASN C 57 21.84 32.13 -6.53
C ASN C 57 20.67 31.71 -5.63
N CYS C 58 20.33 32.42 -4.60
CA CYS C 58 19.11 32.12 -3.80
C CYS C 58 18.37 33.43 -3.54
N ILE C 59 17.16 33.52 -3.92
CA ILE C 59 16.32 34.70 -3.63
C ILE C 59 15.04 34.28 -2.91
N PHE C 60 14.46 35.26 -2.25
CA PHE C 60 13.22 35.04 -1.50
C PHE C 60 12.10 35.68 -2.29
N ALA C 61 11.04 34.91 -2.48
CA ALA C 61 9.79 35.40 -3.09
C ALA C 61 8.63 35.19 -2.14
N PRO C 62 8.17 36.21 -1.43
CA PRO C 62 7.13 36.07 -0.42
C PRO C 62 5.80 35.68 -1.04
N ALA C 63 5.22 34.55 -0.58
CA ALA C 63 4.01 34.08 -1.19
C ALA C 63 3.36 33.11 -0.22
N ASN C 64 2.03 33.16 -0.10
CA ASN C 64 1.26 32.14 0.66
C ASN C 64 0.80 31.16 -0.39
N VAL C 65 1.07 29.81 -0.17
CA VAL C 65 0.74 28.88 -1.23
C VAL C 65 -0.77 28.70 -1.47
N THR C 66 -1.54 29.27 -0.57
CA THR C 66 -3.05 29.10 -0.89
C THR C 66 -3.56 30.22 -1.82
N SER C 67 -2.63 31.16 -2.12
CA SER C 67 -3.02 32.30 -2.93
C SER C 67 -2.53 32.08 -4.35
N GLU C 68 -3.39 31.89 -5.35
CA GLU C 68 -2.89 31.72 -6.70
C GLU C 68 -2.25 33.04 -7.18
N LYS C 69 -2.76 34.21 -6.80
CA LYS C 69 -2.12 35.46 -7.20
C LYS C 69 -0.66 35.44 -6.73
N GLU C 70 -0.39 35.18 -5.43
CA GLU C 70 0.95 35.26 -4.92
C GLU C 70 1.85 34.18 -5.46
N VAL C 71 1.30 32.98 -5.67
CA VAL C 71 2.19 31.90 -6.21
C VAL C 71 2.54 32.26 -7.62
N GLN C 72 1.55 32.65 -8.46
CA GLN C 72 1.90 32.99 -9.82
C GLN C 72 2.89 34.20 -9.83
N ALA C 73 2.76 35.20 -8.95
CA ALA C 73 3.77 36.29 -8.99
C ALA C 73 5.15 35.71 -8.65
N ALA C 74 5.20 34.75 -7.71
CA ALA C 74 6.51 34.21 -7.29
C ALA C 74 7.16 33.40 -8.37
N LEU C 75 6.40 32.64 -9.12
CA LEU C 75 6.87 31.84 -10.22
C LEU C 75 7.34 32.74 -11.36
N THR C 76 6.60 33.83 -11.60
CA THR C 76 7.06 34.78 -12.64
C THR C 76 8.36 35.44 -12.18
N LEU C 77 8.49 35.81 -10.92
CA LEU C 77 9.78 36.38 -10.49
C LEU C 77 10.90 35.37 -10.74
N ALA C 78 10.68 34.11 -10.39
CA ALA C 78 11.69 33.06 -10.60
C ALA C 78 12.08 32.92 -12.03
N LYS C 79 11.13 32.83 -12.95
CA LYS C 79 11.35 32.64 -14.35
C LYS C 79 12.08 33.88 -14.94
N GLU C 80 11.69 35.05 -14.51
CA GLU C 80 12.39 36.26 -15.09
C GLU C 80 13.77 36.30 -14.50
N LYS C 81 14.02 36.13 -13.22
CA LYS C 81 15.32 36.22 -12.57
C LYS C 81 16.32 35.16 -13.07
N PHE C 82 15.84 33.93 -13.21
CA PHE C 82 16.76 32.81 -13.50
C PHE C 82 16.56 32.19 -14.86
N GLY C 83 15.57 32.61 -15.66
CA GLY C 83 15.35 32.16 -17.00
C GLY C 83 14.27 31.12 -17.25
N ARG C 84 14.05 30.28 -16.17
CA ARG C 84 13.23 29.08 -16.38
C ARG C 84 12.99 28.49 -15.03
N ILE C 85 12.13 27.46 -14.94
CA ILE C 85 11.97 26.73 -13.71
C ILE C 85 12.13 25.25 -14.11
N ASP C 86 13.03 24.58 -13.40
CA ASP C 86 13.30 23.16 -13.70
C ASP C 86 12.77 22.20 -12.63
N VAL C 87 12.72 22.69 -11.41
CA VAL C 87 12.41 21.85 -10.25
C VAL C 87 11.45 22.66 -9.38
N ALA C 88 10.41 21.96 -8.84
CA ALA C 88 9.59 22.58 -7.75
C ALA C 88 9.65 21.61 -6.59
N VAL C 89 9.78 22.07 -5.36
CA VAL C 89 9.76 21.22 -4.15
C VAL C 89 8.74 21.87 -3.24
N ASN C 90 7.63 21.08 -2.98
CA ASN C 90 6.62 21.57 -2.01
C ASN C 90 6.92 21.17 -0.57
N CYS C 91 7.45 22.06 0.23
CA CYS C 91 7.69 21.82 1.64
C CYS C 91 6.76 22.69 2.50
N ALA C 92 6.10 23.71 1.93
CA ALA C 92 5.18 24.51 2.81
C ALA C 92 4.17 23.60 3.52
N GLY C 93 4.01 23.76 4.81
CA GLY C 93 2.98 22.95 5.49
C GLY C 93 2.84 23.39 6.92
N ILE C 94 1.71 23.01 7.53
CA ILE C 94 1.43 23.26 8.92
C ILE C 94 0.89 21.97 9.53
N ALA C 95 0.86 21.89 10.82
CA ALA C 95 0.30 20.75 11.54
C ALA C 95 -0.55 21.21 12.70
N VAL C 96 -1.54 20.36 13.08
CA VAL C 96 -2.27 20.59 14.30
C VAL C 96 -2.45 19.19 14.94
N ALA C 97 -2.77 19.18 16.21
CA ALA C 97 -3.01 17.90 16.91
C ALA C 97 -4.31 18.13 17.68
N ILE C 98 -5.38 17.66 17.02
CA ILE C 98 -6.73 17.89 17.51
C ILE C 98 -7.51 16.60 17.29
N LYS C 99 -8.03 16.01 18.38
CA LYS C 99 -8.87 14.82 18.20
C LYS C 99 -10.14 15.09 17.39
N THR C 100 -10.64 14.13 16.62
CA THR C 100 -11.96 14.26 15.94
C THR C 100 -13.00 14.64 16.99
N TYR C 101 -13.02 13.86 18.07
CA TYR C 101 -13.94 14.06 19.16
C TYR C 101 -13.25 13.73 20.44
N HIS C 102 -13.50 14.55 21.45
CA HIS C 102 -12.87 14.30 22.77
C HIS C 102 -13.96 14.18 23.82
N GLU C 103 -14.32 12.95 24.26
CA GLU C 103 -15.52 12.80 25.10
C GLU C 103 -15.47 13.51 26.43
N LYS C 104 -14.37 13.51 27.16
CA LYS C 104 -14.34 14.13 28.49
C LYS C 104 -14.65 15.62 28.47
N LYS C 105 -14.23 16.32 27.43
CA LYS C 105 -14.49 17.75 27.32
C LYS C 105 -15.65 17.97 26.36
N ASN C 106 -16.19 16.91 25.79
CA ASN C 106 -17.27 16.92 24.82
C ASN C 106 -16.91 17.92 23.73
N GLN C 107 -15.68 17.80 23.18
CA GLN C 107 -15.11 18.75 22.25
C GLN C 107 -15.01 18.15 20.86
N VAL C 108 -15.66 18.72 19.88
CA VAL C 108 -15.67 18.26 18.49
C VAL C 108 -14.62 19.07 17.75
N HIS C 109 -13.81 18.40 16.96
CA HIS C 109 -12.84 19.10 16.09
C HIS C 109 -13.61 20.12 15.27
N THR C 110 -13.15 21.38 15.18
CA THR C 110 -13.88 22.37 14.41
C THR C 110 -13.71 22.15 12.96
N LEU C 111 -14.68 22.52 12.13
CA LEU C 111 -14.55 22.36 10.68
C LEU C 111 -13.44 23.27 10.19
N GLU C 112 -13.37 24.54 10.70
CA GLU C 112 -12.35 25.48 10.30
C GLU C 112 -10.92 24.98 10.51
N ASP C 113 -10.69 24.32 11.65
CA ASP C 113 -9.32 23.82 11.90
C ASP C 113 -8.97 22.73 10.88
N PHE C 114 -9.90 21.87 10.51
CA PHE C 114 -9.64 20.86 9.48
C PHE C 114 -9.38 21.54 8.15
N GLN C 115 -10.30 22.47 7.78
CA GLN C 115 -10.17 23.17 6.50
C GLN C 115 -8.83 23.93 6.33
N ARG C 116 -8.38 24.53 7.41
CA ARG C 116 -7.11 25.29 7.34
C ARG C 116 -5.92 24.39 7.00
N VAL C 117 -5.85 23.20 7.66
CA VAL C 117 -4.76 22.27 7.34
C VAL C 117 -4.88 21.72 5.94
N ILE C 118 -6.08 21.40 5.48
CA ILE C 118 -6.26 20.93 4.12
C ILE C 118 -5.85 22.02 3.13
N ASN C 119 -6.27 23.28 3.42
CA ASN C 119 -5.97 24.35 2.48
C ASN C 119 -4.46 24.60 2.32
N VAL C 120 -3.74 24.67 3.44
CA VAL C 120 -2.29 24.96 3.31
C VAL C 120 -1.61 23.74 2.72
N ASN C 121 -1.87 22.56 3.28
CA ASN C 121 -1.00 21.40 2.91
C ASN C 121 -1.35 20.79 1.60
N LEU C 122 -2.64 20.58 1.35
CA LEU C 122 -3.07 19.90 0.15
C LEU C 122 -3.45 20.87 -0.94
N ILE C 123 -4.41 21.81 -0.69
CA ILE C 123 -4.78 22.75 -1.77
C ILE C 123 -3.50 23.59 -2.15
N GLY C 124 -2.71 23.98 -1.16
CA GLY C 124 -1.53 24.82 -1.45
C GLY C 124 -0.51 24.06 -2.32
N THR C 125 -0.34 22.77 -1.96
CA THR C 125 0.60 21.99 -2.82
C THR C 125 0.06 21.85 -4.20
N PHE C 126 -1.26 21.55 -4.42
CA PHE C 126 -1.79 21.48 -5.77
C PHE C 126 -1.72 22.78 -6.54
N ASN C 127 -1.94 23.87 -5.80
CA ASN C 127 -1.86 25.23 -6.44
C ASN C 127 -0.46 25.43 -7.04
N VAL C 128 0.56 25.11 -6.28
CA VAL C 128 1.95 25.23 -6.82
C VAL C 128 2.16 24.33 -7.99
N ILE C 129 1.74 23.05 -7.85
CA ILE C 129 1.92 22.10 -8.93
C ILE C 129 1.28 22.59 -10.23
N ARG C 130 0.02 23.04 -10.11
CA ARG C 130 -0.68 23.34 -11.40
C ARG C 130 -0.07 24.56 -12.06
N LEU C 131 0.37 25.50 -11.25
CA LEU C 131 0.91 26.75 -11.90
C LEU C 131 2.34 26.55 -12.38
N VAL C 132 3.11 25.70 -11.65
CA VAL C 132 4.53 25.55 -12.09
C VAL C 132 4.55 24.61 -13.29
N ALA C 133 3.56 23.72 -13.46
CA ALA C 133 3.59 22.80 -14.60
C ALA C 133 3.65 23.49 -15.96
N GLY C 134 2.82 24.56 -16.14
CA GLY C 134 2.87 25.25 -17.44
C GLY C 134 4.17 26.03 -17.59
N VAL C 135 4.75 26.52 -16.47
CA VAL C 135 6.05 27.18 -16.64
C VAL C 135 7.14 26.16 -17.06
N MET C 136 7.13 24.98 -16.39
CA MET C 136 8.05 23.90 -16.85
C MET C 136 7.80 23.44 -18.26
N GLY C 137 6.55 23.44 -18.72
CA GLY C 137 6.13 23.08 -20.05
C GLY C 137 6.78 24.00 -21.11
N GLN C 138 7.26 25.16 -20.70
CA GLN C 138 7.91 26.05 -21.66
C GLN C 138 9.35 25.65 -21.97
N ASN C 139 9.90 24.74 -21.12
CA ASN C 139 11.30 24.32 -21.35
C ASN C 139 11.42 23.42 -22.57
N GLU C 140 12.55 23.54 -23.29
CA GLU C 140 12.83 22.63 -24.34
C GLU C 140 13.19 21.31 -23.62
N PRO C 141 12.64 20.21 -24.04
CA PRO C 141 12.89 18.91 -23.40
C PRO C 141 14.39 18.62 -23.50
N ASP C 142 14.93 17.97 -22.48
CA ASP C 142 16.32 17.53 -22.47
C ASP C 142 16.39 16.30 -23.37
N GLN C 143 17.62 15.73 -23.47
CA GLN C 143 17.78 14.60 -24.40
C GLN C 143 16.93 13.38 -24.07
N GLY C 144 16.44 13.29 -22.84
CA GLY C 144 15.56 12.18 -22.47
C GLY C 144 14.10 12.62 -22.41
N GLY C 145 13.79 13.81 -22.98
CA GLY C 145 12.41 14.24 -23.05
C GLY C 145 11.92 14.99 -21.84
N GLN C 146 12.74 15.17 -20.82
CA GLN C 146 12.27 15.78 -19.58
C GLN C 146 12.26 17.29 -19.62
N ARG C 147 11.16 17.85 -19.05
CA ARG C 147 11.03 19.31 -18.92
C ARG C 147 11.08 19.78 -17.48
N GLY C 148 10.82 18.88 -16.50
CA GLY C 148 10.93 19.30 -15.12
C GLY C 148 10.62 18.20 -14.12
N VAL C 149 10.82 18.51 -12.85
CA VAL C 149 10.60 17.50 -11.80
C VAL C 149 9.91 18.25 -10.65
N ILE C 150 8.79 17.68 -10.19
CA ILE C 150 8.03 18.24 -9.07
C ILE C 150 8.07 17.25 -7.94
N ILE C 151 8.54 17.69 -6.78
CA ILE C 151 8.65 16.83 -5.58
C ILE C 151 7.77 17.40 -4.48
N ASN C 152 6.89 16.49 -3.91
CA ASN C 152 6.02 16.97 -2.86
C ASN C 152 6.46 16.36 -1.54
N THR C 153 5.97 16.93 -0.47
CA THR C 153 6.23 16.41 0.88
C THR C 153 4.90 15.96 1.49
N ALA C 154 4.76 14.66 1.68
CA ALA C 154 3.63 14.11 2.43
C ALA C 154 4.10 13.84 3.83
N SER C 155 3.96 12.65 4.40
CA SER C 155 4.40 12.36 5.76
C SER C 155 4.07 10.88 5.95
N VAL C 156 4.76 10.22 6.92
CA VAL C 156 4.24 8.90 7.29
C VAL C 156 2.83 8.97 7.89
N ALA C 157 2.37 10.15 8.31
CA ALA C 157 0.96 10.29 8.79
C ALA C 157 -0.03 10.04 7.73
N ALA C 158 0.33 9.92 6.44
CA ALA C 158 -0.59 9.50 5.43
C ALA C 158 -0.93 8.00 5.57
N PHE C 159 -0.10 7.26 6.25
CA PHE C 159 -0.22 5.83 6.36
C PHE C 159 -0.45 5.34 7.80
N GLU C 160 0.12 5.97 8.79
CA GLU C 160 -0.04 5.65 10.19
C GLU C 160 -0.36 6.90 11.00
N GLY C 161 -1.43 7.63 10.57
CA GLY C 161 -1.84 8.82 11.34
C GLY C 161 -2.16 8.52 12.80
N GLN C 162 -1.61 9.31 13.70
CA GLN C 162 -1.81 9.13 15.14
C GLN C 162 -3.08 9.80 15.67
N VAL C 163 -3.37 9.47 16.92
CA VAL C 163 -4.49 10.19 17.59
C VAL C 163 -4.20 11.69 17.46
N GLY C 164 -5.19 12.49 17.10
CA GLY C 164 -4.98 13.93 16.92
C GLY C 164 -4.56 14.34 15.53
N GLN C 165 -4.23 13.42 14.66
CA GLN C 165 -3.75 13.79 13.33
C GLN C 165 -4.70 13.66 12.17
N ALA C 166 -6.02 13.62 12.49
CA ALA C 166 -6.92 13.46 11.37
C ALA C 166 -6.76 14.50 10.26
N ALA C 167 -6.71 15.78 10.64
CA ALA C 167 -6.58 16.82 9.58
C ALA C 167 -5.26 16.71 8.83
N TYR C 168 -4.14 16.57 9.58
CA TYR C 168 -2.84 16.46 8.92
C TYR C 168 -2.77 15.23 8.04
N SER C 169 -3.24 14.08 8.57
CA SER C 169 -3.24 12.87 7.73
C SER C 169 -4.12 12.95 6.53
N ALA C 170 -5.32 13.61 6.64
CA ALA C 170 -6.13 13.74 5.42
C ALA C 170 -5.36 14.59 4.44
N SER C 171 -4.68 15.65 4.91
CA SER C 171 -3.99 16.49 3.93
C SER C 171 -2.82 15.73 3.25
N LYS C 172 -2.13 14.91 4.03
CA LYS C 172 -0.98 14.23 3.45
C LYS C 172 -1.35 13.01 2.65
N GLY C 173 -2.51 12.38 3.03
CA GLY C 173 -3.01 11.29 2.21
C GLY C 173 -3.54 11.86 0.90
N GLY C 174 -4.02 13.12 0.92
CA GLY C 174 -4.42 13.66 -0.40
C GLY C 174 -3.20 13.85 -1.29
N ILE C 175 -2.07 14.25 -0.68
CA ILE C 175 -0.86 14.43 -1.56
C ILE C 175 -0.50 13.08 -2.12
N VAL C 176 -0.48 12.05 -1.23
CA VAL C 176 -0.18 10.68 -1.73
C VAL C 176 -1.11 10.31 -2.87
N GLY C 177 -2.42 10.44 -2.60
CA GLY C 177 -3.42 10.03 -3.59
C GLY C 177 -3.36 10.67 -4.96
N MET C 178 -2.96 12.00 -4.95
CA MET C 178 -2.84 12.65 -6.25
C MET C 178 -1.45 12.57 -6.89
N THR C 179 -0.55 11.83 -6.30
CA THR C 179 0.84 11.81 -6.90
C THR C 179 0.76 11.11 -8.24
N LEU C 180 0.14 9.91 -8.32
CA LEU C 180 0.08 9.18 -9.56
C LEU C 180 -0.74 9.89 -10.64
N PRO C 181 -1.95 10.36 -10.41
CA PRO C 181 -2.71 10.96 -11.52
C PRO C 181 -1.99 12.21 -11.99
N ILE C 182 -1.31 12.99 -11.14
CA ILE C 182 -0.61 14.18 -11.67
C ILE C 182 0.58 13.70 -12.46
N ALA C 183 1.31 12.68 -12.01
CA ALA C 183 2.39 12.17 -12.90
C ALA C 183 1.82 11.70 -14.23
N ARG C 184 0.67 11.02 -14.25
CA ARG C 184 0.09 10.57 -15.52
C ARG C 184 -0.35 11.80 -16.35
N ASP C 185 -0.94 12.82 -15.72
CA ASP C 185 -1.33 14.01 -16.45
C ASP C 185 -0.12 14.63 -17.17
N LEU C 186 1.02 14.71 -16.44
CA LEU C 186 2.16 15.49 -16.96
C LEU C 186 3.15 14.65 -17.71
N ALA C 187 2.84 13.32 -17.84
CA ALA C 187 3.76 12.48 -18.63
C ALA C 187 4.01 12.95 -20.04
N PRO C 188 3.00 13.43 -20.79
CA PRO C 188 3.16 13.83 -22.17
C PRO C 188 4.02 15.09 -22.32
N ILE C 189 4.27 15.84 -21.27
CA ILE C 189 5.19 16.96 -21.43
C ILE C 189 6.44 16.71 -20.63
N GLY C 190 6.63 15.47 -20.12
CA GLY C 190 7.96 15.21 -19.56
C GLY C 190 8.22 15.78 -18.19
N ILE C 191 7.18 15.86 -17.30
CA ILE C 191 7.43 16.38 -15.96
C ILE C 191 7.22 15.20 -14.99
N ARG C 192 8.23 14.80 -14.25
CA ARG C 192 8.10 13.73 -13.27
C ARG C 192 7.54 14.31 -11.99
N VAL C 193 6.74 13.49 -11.27
CA VAL C 193 6.10 13.90 -10.01
C VAL C 193 6.36 12.84 -8.95
N VAL C 194 7.05 13.18 -7.88
CA VAL C 194 7.43 12.21 -6.86
C VAL C 194 7.13 12.83 -5.50
N THR C 195 6.78 11.98 -4.55
CA THR C 195 6.46 12.49 -3.23
C THR C 195 7.35 11.83 -2.18
N ILE C 196 7.85 12.61 -1.24
CA ILE C 196 8.65 12.10 -0.12
C ILE C 196 7.72 12.12 1.08
N ALA C 197 7.73 11.03 1.86
CA ALA C 197 6.99 10.98 3.11
C ALA C 197 7.95 10.89 4.29
N PRO C 198 8.29 12.01 4.91
CA PRO C 198 9.23 11.98 6.03
C PRO C 198 8.54 11.36 7.19
N GLY C 199 9.40 10.81 8.09
CA GLY C 199 9.02 10.37 9.43
C GLY C 199 9.05 11.58 10.38
N LEU C 200 9.90 11.53 11.37
CA LEU C 200 10.06 12.58 12.36
C LEU C 200 11.40 13.30 12.13
N PHE C 201 11.42 14.59 11.85
CA PHE C 201 12.63 15.37 11.54
C PHE C 201 12.84 16.52 12.52
N ALA C 202 14.11 16.82 12.66
CA ALA C 202 14.42 17.92 13.61
C ALA C 202 14.26 19.28 12.95
N THR C 203 13.04 19.85 13.00
CA THR C 203 12.81 21.15 12.36
C THR C 203 11.93 21.95 13.32
N PRO C 204 11.78 23.22 13.03
CA PRO C 204 10.86 24.04 13.87
C PRO C 204 9.45 23.56 13.89
N LEU C 205 8.96 22.66 13.04
CA LEU C 205 7.62 22.11 13.03
C LEU C 205 7.38 21.41 14.36
N LEU C 206 8.38 20.87 15.04
CA LEU C 206 8.26 20.26 16.35
C LEU C 206 7.95 21.25 17.48
N THR C 207 8.31 22.51 17.37
CA THR C 207 8.02 23.47 18.44
C THR C 207 6.53 23.44 18.80
N ASN C 215 9.42 15.73 23.40
CA ASN C 215 10.67 15.50 24.22
C ASN C 215 10.95 14.04 24.45
N PHE C 216 10.25 13.15 23.76
CA PHE C 216 10.52 11.71 23.83
C PHE C 216 10.41 10.96 22.51
N LEU C 217 10.36 11.66 21.40
CA LEU C 217 10.22 11.23 20.03
C LEU C 217 11.34 10.46 19.38
N ALA C 218 12.61 10.76 19.69
CA ALA C 218 13.66 10.03 18.98
C ALA C 218 13.69 8.54 19.27
N SER C 219 13.41 8.10 20.49
CA SER C 219 13.48 6.70 20.88
C SER C 219 12.59 5.73 20.14
N GLN C 220 11.57 6.18 19.44
CA GLN C 220 10.69 5.34 18.65
C GLN C 220 11.27 4.86 17.32
N VAL C 221 12.26 5.60 16.81
CA VAL C 221 12.80 5.20 15.51
C VAL C 221 13.71 4.00 15.54
N PRO C 222 13.59 2.97 14.75
CA PRO C 222 14.47 1.81 14.85
C PRO C 222 15.92 2.14 14.56
N PHE C 223 16.25 2.72 13.43
CA PHE C 223 17.72 3.00 13.21
C PHE C 223 17.80 3.90 11.99
N PRO C 224 18.57 4.98 12.00
CA PRO C 224 19.20 5.50 13.17
C PRO C 224 18.22 5.90 14.25
N SER C 225 18.45 5.69 15.53
CA SER C 225 17.41 5.96 16.54
C SER C 225 17.48 7.38 17.04
N ARG C 226 16.97 8.27 16.15
CA ARG C 226 16.99 9.72 16.41
C ARG C 226 16.02 10.36 15.39
N LEU C 227 15.79 11.67 15.59
CA LEU C 227 15.07 12.46 14.60
C LEU C 227 15.86 12.47 13.32
N GLY C 228 15.22 12.57 12.16
CA GLY C 228 15.92 12.80 10.90
C GLY C 228 16.61 14.18 10.87
N ASP C 229 17.68 14.23 10.07
CA ASP C 229 18.35 15.54 9.92
C ASP C 229 17.85 16.10 8.63
N PRO C 230 17.36 17.35 8.64
CA PRO C 230 16.91 17.94 7.37
C PRO C 230 17.86 17.71 6.20
N ALA C 231 19.20 17.70 6.41
CA ALA C 231 20.04 17.49 5.24
C ALA C 231 19.88 16.10 4.61
N GLU C 232 19.33 15.12 5.33
CA GLU C 232 19.04 13.78 4.79
C GLU C 232 17.79 13.86 3.89
N TYR C 233 16.82 14.73 4.25
CA TYR C 233 15.74 14.99 3.30
C TYR C 233 16.27 15.67 2.06
N ALA C 234 17.13 16.70 2.25
CA ALA C 234 17.72 17.36 1.07
C ALA C 234 18.45 16.43 0.14
N HIS C 235 19.22 15.47 0.76
CA HIS C 235 19.93 14.51 -0.10
C HIS C 235 18.97 13.67 -0.90
N LEU C 236 17.82 13.28 -0.28
CA LEU C 236 16.87 12.46 -1.08
C LEU C 236 16.22 13.30 -2.17
N VAL C 237 16.00 14.60 -1.88
CA VAL C 237 15.48 15.44 -2.95
C VAL C 237 16.45 15.45 -4.13
N GLN C 238 17.78 15.65 -3.83
CA GLN C 238 18.74 15.63 -4.95
C GLN C 238 18.71 14.34 -5.75
N MET C 239 18.60 13.19 -5.01
CA MET C 239 18.49 11.95 -5.74
C MET C 239 17.26 11.85 -6.64
N VAL C 240 16.12 12.38 -6.11
CA VAL C 240 14.93 12.30 -6.99
C VAL C 240 15.12 13.20 -8.18
N ILE C 241 15.72 14.39 -7.97
CA ILE C 241 15.93 15.23 -9.18
C ILE C 241 16.83 14.57 -10.21
N GLU C 242 17.91 13.89 -9.68
CA GLU C 242 18.88 13.26 -10.64
C GLU C 242 18.35 12.02 -11.30
N ASN C 243 17.47 11.22 -10.65
CA ASN C 243 17.15 9.89 -11.25
C ASN C 243 16.07 10.06 -12.28
N PRO C 244 16.28 9.77 -13.55
CA PRO C 244 15.26 10.03 -14.58
C PRO C 244 14.08 9.08 -14.53
N PHE C 245 14.20 7.92 -13.81
CA PHE C 245 13.18 6.87 -13.91
C PHE C 245 12.30 6.90 -12.68
N LEU C 246 12.52 7.76 -11.69
CA LEU C 246 11.63 7.75 -10.51
C LEU C 246 10.45 8.62 -10.76
N ASN C 247 9.27 8.04 -10.72
CA ASN C 247 8.06 8.86 -11.08
C ASN C 247 6.79 8.21 -10.57
N GLY C 248 5.92 9.06 -10.04
CA GLY C 248 4.57 8.56 -9.61
C GLY C 248 4.66 7.74 -8.37
N GLU C 249 5.70 7.93 -7.55
CA GLU C 249 5.98 7.12 -6.38
C GLU C 249 6.06 7.97 -5.12
N VAL C 250 5.80 7.37 -4.00
CA VAL C 250 5.98 7.98 -2.66
C VAL C 250 7.15 7.20 -1.97
N ILE C 251 8.01 7.92 -1.36
CA ILE C 251 9.17 7.29 -0.65
C ILE C 251 9.16 7.70 0.79
N ARG C 252 9.12 6.70 1.68
CA ARG C 252 9.23 6.99 3.09
C ARG C 252 10.70 7.30 3.45
N LEU C 253 10.93 8.30 4.25
CA LEU C 253 12.32 8.63 4.73
C LEU C 253 12.14 8.76 6.23
N ASP C 254 12.37 7.67 6.95
CA ASP C 254 11.87 7.64 8.33
C ASP C 254 12.58 6.68 9.25
N GLY C 255 13.80 6.21 8.91
CA GLY C 255 14.50 5.33 9.90
C GLY C 255 13.73 4.04 10.24
N ALA C 256 12.82 3.61 9.38
CA ALA C 256 11.98 2.41 9.56
C ALA C 256 10.94 2.57 10.65
N ILE C 257 10.60 3.79 11.07
CA ILE C 257 9.53 3.94 12.06
C ILE C 257 8.18 3.53 11.51
N ARG C 258 7.31 3.01 12.40
CA ARG C 258 5.90 2.84 12.02
C ARG C 258 5.18 3.53 13.18
N MET C 259 4.28 4.47 12.92
CA MET C 259 3.71 5.22 14.03
C MET C 259 2.60 4.52 14.82
N GLN C 260 2.73 4.54 16.14
CA GLN C 260 1.69 4.01 17.02
C GLN C 260 0.71 5.18 17.26
N PRO C 261 -0.45 4.78 17.92
CA PRO C 261 -1.48 5.82 18.09
C PRO C 261 -0.94 7.00 18.89
N SER D 7 -26.75 -9.35 11.81
CA SER D 7 -27.95 -8.51 11.92
C SER D 7 -27.75 -7.01 12.18
N VAL D 8 -28.40 -6.29 11.28
CA VAL D 8 -28.57 -4.83 11.41
C VAL D 8 -29.97 -4.44 11.82
N LYS D 9 -30.83 -5.40 12.19
CA LYS D 9 -32.23 -5.09 12.52
C LYS D 9 -32.28 -4.14 13.69
N GLY D 10 -33.05 -3.06 13.56
CA GLY D 10 -33.10 -2.09 14.68
C GLY D 10 -32.06 -0.98 14.67
N LEU D 11 -30.96 -1.14 13.90
CA LEU D 11 -29.96 -0.07 13.93
C LEU D 11 -30.48 1.16 13.21
N VAL D 12 -29.98 2.33 13.63
CA VAL D 12 -30.35 3.57 12.93
C VAL D 12 -29.13 4.03 12.07
N ALA D 13 -29.25 4.13 10.80
CA ALA D 13 -28.15 4.48 9.91
C ALA D 13 -28.41 5.85 9.29
N VAL D 14 -27.56 6.74 9.16
CA VAL D 14 -27.60 8.00 8.41
C VAL D 14 -26.72 7.81 7.21
N ILE D 15 -27.19 7.90 6.02
CA ILE D 15 -26.48 7.60 4.76
C ILE D 15 -26.46 8.85 3.93
N THR D 16 -25.24 9.46 3.89
CA THR D 16 -25.12 10.65 3.02
C THR D 16 -25.00 10.23 1.61
N GLY D 17 -25.50 11.04 0.63
CA GLY D 17 -25.58 10.63 -0.75
C GLY D 17 -26.66 9.58 -0.90
N GLY D 18 -27.65 9.56 0.06
CA GLY D 18 -28.67 8.52 0.07
C GLY D 18 -29.73 8.60 -1.03
N ALA D 19 -29.80 9.67 -1.82
CA ALA D 19 -30.82 9.75 -2.83
C ALA D 19 -30.59 8.98 -4.12
N SER D 20 -29.27 8.48 -4.29
CA SER D 20 -28.93 7.87 -5.54
C SER D 20 -27.79 6.87 -5.38
N GLY D 21 -27.59 6.08 -6.40
CA GLY D 21 -26.36 5.23 -6.47
C GLY D 21 -26.07 4.39 -5.26
N LEU D 22 -24.82 4.42 -4.83
CA LEU D 22 -24.36 3.53 -3.74
C LEU D 22 -25.06 3.78 -2.40
N GLY D 23 -25.29 5.09 -2.09
CA GLY D 23 -25.96 5.40 -0.85
C GLY D 23 -27.48 4.96 -0.90
N LEU D 24 -28.07 5.11 -2.05
CA LEU D 24 -29.51 4.62 -2.12
C LEU D 24 -29.54 3.10 -1.95
N SER D 25 -28.66 2.42 -2.72
CA SER D 25 -28.70 0.92 -2.60
C SER D 25 -28.41 0.49 -1.22
N THR D 26 -27.51 1.11 -0.49
CA THR D 26 -27.24 0.83 0.88
C THR D 26 -28.49 0.93 1.77
N ALA D 27 -29.15 2.09 1.56
CA ALA D 27 -30.42 2.27 2.32
C ALA D 27 -31.45 1.20 1.98
N LYS D 28 -31.55 0.86 0.69
CA LYS D 28 -32.55 -0.21 0.34
C LYS D 28 -32.19 -1.52 1.06
N ARG D 29 -30.94 -1.86 0.97
CA ARG D 29 -30.57 -3.17 1.69
C ARG D 29 -30.76 -3.11 3.16
N LEU D 30 -30.28 -2.06 3.83
CA LEU D 30 -30.39 -1.98 5.28
C LEU D 30 -31.84 -1.94 5.75
N VAL D 31 -32.64 -1.08 5.07
CA VAL D 31 -34.11 -1.10 5.44
C VAL D 31 -34.71 -2.46 5.18
N GLY D 32 -34.35 -3.18 4.14
CA GLY D 32 -34.94 -4.50 3.85
C GLY D 32 -34.50 -5.50 4.92
N GLN D 33 -33.41 -5.20 5.65
CA GLN D 33 -32.95 -6.09 6.74
C GLN D 33 -33.36 -5.64 8.12
N GLY D 34 -34.31 -4.63 8.10
CA GLY D 34 -34.82 -4.14 9.34
C GLY D 34 -34.30 -2.93 10.03
N ALA D 35 -33.29 -2.30 9.38
CA ALA D 35 -32.70 -1.11 9.99
C ALA D 35 -33.62 0.08 9.63
N THR D 36 -33.34 1.20 10.31
CA THR D 36 -33.91 2.49 9.95
C THR D 36 -32.85 3.35 9.23
N ALA D 37 -33.29 4.03 8.18
CA ALA D 37 -32.27 4.75 7.37
C ALA D 37 -32.74 6.21 7.18
N VAL D 38 -31.79 7.15 7.41
CA VAL D 38 -32.04 8.57 7.14
C VAL D 38 -31.17 8.89 5.94
N LEU D 39 -31.84 9.25 4.79
CA LEU D 39 -31.12 9.68 3.64
C LEU D 39 -30.70 11.13 3.80
N LEU D 40 -29.43 11.44 3.69
CA LEU D 40 -28.94 12.81 3.80
C LEU D 40 -28.49 13.13 2.39
N ASP D 41 -29.12 14.13 1.76
CA ASP D 41 -28.76 14.42 0.42
C ASP D 41 -29.31 15.85 0.14
N VAL D 42 -28.90 16.42 -0.95
CA VAL D 42 -29.32 17.79 -1.24
C VAL D 42 -30.83 17.86 -1.55
N PRO D 43 -31.42 19.06 -1.37
CA PRO D 43 -32.87 19.23 -1.59
C PRO D 43 -33.21 18.98 -2.98
N ASN D 44 -32.33 19.39 -3.90
CA ASN D 44 -32.66 19.21 -5.26
C ASN D 44 -32.16 17.84 -5.68
N SER D 45 -32.99 16.80 -5.27
CA SER D 45 -32.60 15.42 -5.57
C SER D 45 -33.88 14.54 -5.42
N GLU D 46 -33.79 13.27 -5.69
CA GLU D 46 -34.90 12.31 -5.49
C GLU D 46 -34.99 11.88 -4.05
N GLY D 47 -34.35 12.53 -3.08
CA GLY D 47 -34.31 12.05 -1.72
C GLY D 47 -35.72 11.69 -1.22
N GLU D 48 -36.58 12.72 -1.25
CA GLU D 48 -37.94 12.54 -0.67
C GLU D 48 -38.69 11.39 -1.26
N THR D 49 -38.71 11.28 -2.59
CA THR D 49 -39.43 10.20 -3.26
C THR D 49 -38.79 8.89 -2.80
N GLU D 50 -37.46 8.80 -2.83
CA GLU D 50 -36.91 7.49 -2.50
C GLU D 50 -37.16 7.10 -1.09
N ALA D 51 -37.16 8.04 -0.15
CA ALA D 51 -37.46 7.73 1.22
C ALA D 51 -38.98 7.34 1.36
N LYS D 52 -39.86 7.92 0.47
CA LYS D 52 -41.25 7.45 0.56
C LYS D 52 -41.37 6.04 0.04
N LYS D 53 -40.68 5.71 -1.07
CA LYS D 53 -40.77 4.40 -1.66
C LYS D 53 -40.24 3.35 -0.69
N LEU D 54 -39.25 3.75 0.12
CA LEU D 54 -38.70 2.77 1.05
C LEU D 54 -39.51 2.57 2.28
N GLY D 55 -40.57 3.39 2.46
CA GLY D 55 -41.48 3.13 3.57
C GLY D 55 -41.18 3.93 4.80
N GLY D 56 -41.86 3.63 5.89
CA GLY D 56 -41.80 4.33 7.12
C GLY D 56 -40.52 4.31 7.91
N ASN D 57 -39.70 3.27 7.65
CA ASN D 57 -38.41 3.22 8.34
C ASN D 57 -37.38 3.99 7.58
N CYS D 58 -37.65 4.75 6.58
CA CYS D 58 -36.66 5.50 5.72
C CYS D 58 -37.15 6.93 5.66
N ILE D 59 -36.44 7.94 6.05
CA ILE D 59 -36.84 9.34 5.90
C ILE D 59 -35.76 10.15 5.23
N PHE D 60 -36.04 11.24 4.68
CA PHE D 60 -35.17 12.11 3.94
C PHE D 60 -34.90 13.31 4.81
N ALA D 61 -33.57 13.62 5.02
CA ALA D 61 -33.15 14.79 5.70
C ALA D 61 -32.29 15.60 4.73
N PRO D 62 -32.85 16.66 4.11
CA PRO D 62 -32.13 17.50 3.18
C PRO D 62 -30.93 18.17 3.86
N ALA D 63 -29.71 18.01 3.27
CA ALA D 63 -28.58 18.66 3.89
C ALA D 63 -27.41 18.53 2.87
N ASN D 64 -26.65 19.62 2.79
CA ASN D 64 -25.36 19.60 2.02
C ASN D 64 -24.25 19.26 3.02
N VAL D 65 -23.43 18.19 2.68
CA VAL D 65 -22.45 17.80 3.69
C VAL D 65 -21.32 18.81 3.93
N THR D 66 -21.23 19.87 3.11
CA THR D 66 -20.23 20.92 3.43
C THR D 66 -20.77 21.93 4.42
N SER D 67 -22.06 21.78 4.82
CA SER D 67 -22.63 22.77 5.74
C SER D 67 -22.64 22.19 7.15
N GLU D 68 -21.90 22.75 8.12
CA GLU D 68 -21.98 22.35 9.48
C GLU D 68 -23.47 22.42 9.98
N LYS D 69 -24.16 23.54 9.72
CA LYS D 69 -25.51 23.65 10.26
C LYS D 69 -26.43 22.64 9.62
N GLU D 70 -26.42 22.40 8.32
CA GLU D 70 -27.36 21.45 7.75
C GLU D 70 -27.08 20.04 8.20
N VAL D 71 -25.80 19.67 8.27
CA VAL D 71 -25.52 18.29 8.74
C VAL D 71 -25.96 18.17 10.19
N GLN D 72 -25.59 19.15 11.06
CA GLN D 72 -26.06 19.01 12.45
C GLN D 72 -27.59 18.94 12.51
N ALA D 73 -28.34 19.73 11.78
CA ALA D 73 -29.80 19.63 11.81
C ALA D 73 -30.29 18.27 11.30
N ALA D 74 -29.65 17.62 10.32
CA ALA D 74 -30.07 16.30 9.85
C ALA D 74 -29.78 15.25 10.88
N LEU D 75 -28.67 15.31 11.62
CA LEU D 75 -28.34 14.38 12.67
C LEU D 75 -29.29 14.50 13.87
N THR D 76 -29.60 15.78 14.21
CA THR D 76 -30.52 16.05 15.28
C THR D 76 -31.87 15.47 14.90
N LEU D 77 -32.37 15.65 13.69
CA LEU D 77 -33.63 15.08 13.23
C LEU D 77 -33.56 13.57 13.35
N ALA D 78 -32.51 12.90 12.97
CA ALA D 78 -32.40 11.44 13.11
C ALA D 78 -32.47 11.05 14.56
N LYS D 79 -31.74 11.73 15.45
CA LYS D 79 -31.56 11.36 16.84
C LYS D 79 -32.84 11.60 17.67
N GLU D 80 -33.60 12.64 17.35
CA GLU D 80 -34.90 12.88 18.01
C GLU D 80 -35.96 11.88 17.57
N LYS D 81 -36.08 11.71 16.26
CA LYS D 81 -36.99 10.79 15.66
C LYS D 81 -36.80 9.33 16.09
N PHE D 82 -35.61 8.80 15.91
CA PHE D 82 -35.31 7.37 16.16
C PHE D 82 -34.56 7.08 17.42
N GLY D 83 -34.24 8.03 18.22
CA GLY D 83 -33.65 7.93 19.54
C GLY D 83 -32.15 7.86 19.64
N ARG D 84 -31.53 7.53 18.50
CA ARG D 84 -30.06 7.37 18.53
C ARG D 84 -29.60 7.25 17.09
N ILE D 85 -28.23 7.31 16.98
CA ILE D 85 -27.66 7.02 15.65
C ILE D 85 -26.61 5.90 15.88
N ASP D 86 -26.71 4.81 15.11
CA ASP D 86 -25.75 3.72 15.33
C ASP D 86 -24.69 3.64 14.23
N VAL D 87 -25.06 4.00 13.01
CA VAL D 87 -24.20 3.81 11.83
C VAL D 87 -24.29 5.09 10.98
N ALA D 88 -23.10 5.54 10.52
CA ALA D 88 -23.06 6.56 9.50
C ALA D 88 -22.38 6.02 8.28
N VAL D 89 -22.87 6.23 7.08
CA VAL D 89 -22.29 5.81 5.82
C VAL D 89 -22.11 7.10 5.03
N ASN D 90 -20.84 7.42 4.64
CA ASN D 90 -20.60 8.58 3.78
C ASN D 90 -20.50 8.18 2.34
N CYS D 91 -21.55 8.44 1.55
CA CYS D 91 -21.51 8.18 0.12
C CYS D 91 -21.63 9.54 -0.65
N ALA D 92 -21.93 10.65 0.03
CA ALA D 92 -22.02 11.90 -0.78
C ALA D 92 -20.71 12.20 -1.47
N GLY D 93 -20.78 12.50 -2.74
CA GLY D 93 -19.55 12.88 -3.45
C GLY D 93 -19.81 13.27 -4.89
N ILE D 94 -18.80 13.94 -5.42
CA ILE D 94 -18.86 14.37 -6.80
C ILE D 94 -17.55 14.01 -7.49
N ALA D 95 -17.56 14.01 -8.80
CA ALA D 95 -16.37 13.69 -9.60
C ALA D 95 -16.29 14.71 -10.75
N VAL D 96 -15.06 14.97 -11.14
CA VAL D 96 -14.76 15.78 -12.30
C VAL D 96 -13.56 15.13 -13.03
N ALA D 97 -13.39 15.47 -14.29
CA ALA D 97 -12.28 14.94 -15.03
C ALA D 97 -11.59 16.15 -15.71
N ILE D 98 -10.51 16.62 -15.10
CA ILE D 98 -9.80 17.80 -15.49
C ILE D 98 -8.29 17.55 -15.29
N LYS D 99 -7.58 17.64 -16.43
CA LYS D 99 -6.11 17.48 -16.26
C LYS D 99 -5.45 18.58 -15.44
N THR D 100 -4.38 18.33 -14.74
CA THR D 100 -3.62 19.35 -14.01
C THR D 100 -3.25 20.46 -15.00
N TYR D 101 -2.73 20.05 -16.13
CA TYR D 101 -2.39 20.90 -17.27
C TYR D 101 -2.71 20.13 -18.54
N HIS D 102 -3.47 20.77 -19.44
CA HIS D 102 -3.87 20.16 -20.71
C HIS D 102 -3.07 20.78 -21.82
N GLU D 103 -2.11 20.11 -22.37
CA GLU D 103 -1.20 20.74 -23.31
C GLU D 103 -1.84 21.19 -24.61
N LYS D 104 -2.84 20.46 -25.13
CA LYS D 104 -3.40 20.78 -26.43
C LYS D 104 -4.21 22.08 -26.28
N LYS D 105 -5.00 22.15 -25.18
CA LYS D 105 -5.81 23.36 -24.97
C LYS D 105 -5.07 24.44 -24.22
N ASN D 106 -3.84 24.22 -23.80
CA ASN D 106 -3.02 25.09 -22.99
C ASN D 106 -3.81 25.61 -21.81
N GLN D 107 -4.44 24.68 -21.07
CA GLN D 107 -5.39 24.96 -19.99
C GLN D 107 -4.93 24.37 -18.67
N VAL D 108 -4.84 25.19 -17.64
CA VAL D 108 -4.47 24.80 -16.29
C VAL D 108 -5.72 24.47 -15.50
N HIS D 109 -5.71 23.40 -14.71
CA HIS D 109 -6.82 23.09 -13.79
C HIS D 109 -7.08 24.34 -12.91
N THR D 110 -8.38 24.72 -12.75
CA THR D 110 -8.55 25.88 -11.87
C THR D 110 -8.38 25.53 -10.44
N LEU D 111 -8.03 26.45 -9.58
CA LEU D 111 -7.95 26.14 -8.14
C LEU D 111 -9.33 25.90 -7.54
N GLU D 112 -10.35 26.64 -8.03
CA GLU D 112 -11.68 26.46 -7.45
C GLU D 112 -12.20 25.11 -7.85
N ASP D 113 -11.95 24.53 -9.02
CA ASP D 113 -12.48 23.19 -9.29
C ASP D 113 -11.83 22.17 -8.36
N PHE D 114 -10.54 22.29 -8.10
CA PHE D 114 -9.90 21.35 -7.06
C PHE D 114 -10.51 21.59 -5.69
N GLN D 115 -10.62 22.84 -5.22
CA GLN D 115 -11.20 23.10 -3.91
C GLN D 115 -12.60 22.55 -3.80
N ARG D 116 -13.44 22.65 -4.84
CA ARG D 116 -14.84 22.19 -4.69
C ARG D 116 -14.90 20.68 -4.49
N VAL D 117 -14.09 19.95 -5.27
CA VAL D 117 -14.11 18.48 -5.05
C VAL D 117 -13.55 18.13 -3.68
N ILE D 118 -12.50 18.78 -3.23
CA ILE D 118 -12.01 18.57 -1.88
C ILE D 118 -13.10 18.88 -0.85
N ASN D 119 -13.80 20.00 -1.13
CA ASN D 119 -14.74 20.41 -0.09
C ASN D 119 -15.89 19.37 0.03
N VAL D 120 -16.46 18.93 -1.09
CA VAL D 120 -17.55 18.00 -0.92
C VAL D 120 -17.08 16.59 -0.44
N ASN D 121 -16.07 16.09 -1.15
CA ASN D 121 -15.74 14.69 -0.93
C ASN D 121 -15.00 14.45 0.37
N LEU D 122 -14.00 15.32 0.65
CA LEU D 122 -13.13 15.11 1.84
C LEU D 122 -13.61 15.89 3.06
N ILE D 123 -13.72 17.24 2.88
CA ILE D 123 -14.15 18.03 4.04
C ILE D 123 -15.58 17.65 4.39
N GLY D 124 -16.46 17.38 3.41
CA GLY D 124 -17.85 16.97 3.77
C GLY D 124 -17.89 15.64 4.52
N THR D 125 -17.03 14.69 4.10
CA THR D 125 -17.02 13.45 4.92
C THR D 125 -16.52 13.69 6.31
N PHE D 126 -15.43 14.48 6.49
CA PHE D 126 -15.01 14.74 7.85
C PHE D 126 -16.08 15.46 8.70
N ASN D 127 -16.75 16.42 8.03
CA ASN D 127 -17.80 17.22 8.68
C ASN D 127 -18.86 16.22 9.24
N VAL D 128 -19.32 15.23 8.44
CA VAL D 128 -20.28 14.26 8.93
C VAL D 128 -19.68 13.45 10.08
N ILE D 129 -18.44 12.93 9.88
CA ILE D 129 -17.77 12.15 10.91
C ILE D 129 -17.70 12.80 12.27
N ARG D 130 -17.18 14.09 12.23
CA ARG D 130 -16.94 14.77 13.48
C ARG D 130 -18.25 15.05 14.23
N LEU D 131 -19.29 15.34 13.46
CA LEU D 131 -20.56 15.67 14.15
C LEU D 131 -21.36 14.44 14.57
N VAL D 132 -21.18 13.32 13.86
CA VAL D 132 -21.90 12.11 14.24
C VAL D 132 -21.17 11.38 15.38
N ALA D 133 -19.87 11.57 15.51
CA ALA D 133 -19.12 10.89 16.56
C ALA D 133 -19.68 11.20 17.92
N GLY D 134 -19.96 12.47 18.25
CA GLY D 134 -20.49 12.80 19.58
C GLY D 134 -21.90 12.25 19.80
N VAL D 135 -22.65 12.13 18.72
CA VAL D 135 -24.01 11.55 18.82
C VAL D 135 -23.93 10.06 19.15
N MET D 136 -23.08 9.34 18.36
CA MET D 136 -22.84 7.92 18.70
C MET D 136 -22.26 7.71 20.09
N GLY D 137 -21.45 8.62 20.60
CA GLY D 137 -20.87 8.42 21.93
C GLY D 137 -21.96 8.56 23.01
N GLN D 138 -23.16 9.04 22.68
CA GLN D 138 -24.19 9.03 23.73
C GLN D 138 -24.79 7.65 23.88
N ASN D 139 -24.58 6.74 22.91
CA ASN D 139 -25.17 5.42 23.04
C ASN D 139 -24.50 4.72 24.23
N GLU D 140 -25.33 3.84 24.83
CA GLU D 140 -24.78 2.91 25.79
C GLU D 140 -23.94 1.92 25.00
N PRO D 141 -22.74 1.63 25.47
CA PRO D 141 -21.92 0.65 24.76
C PRO D 141 -22.56 -0.72 24.83
N ASP D 142 -22.52 -1.52 23.80
CA ASP D 142 -23.03 -2.88 23.73
C ASP D 142 -22.16 -3.79 24.58
N GLN D 143 -22.37 -5.12 24.51
CA GLN D 143 -21.58 -5.99 25.38
C GLN D 143 -20.11 -6.02 25.00
N GLY D 144 -19.83 -5.70 23.74
CA GLY D 144 -18.43 -5.64 23.28
C GLY D 144 -17.87 -4.23 23.35
N GLY D 145 -18.53 -3.27 24.00
CA GLY D 145 -17.97 -1.93 24.08
C GLY D 145 -18.31 -0.98 22.93
N GLN D 146 -18.97 -1.48 21.91
CA GLN D 146 -19.21 -0.68 20.71
C GLN D 146 -20.37 0.30 20.82
N ARG D 147 -20.17 1.52 20.36
CA ARG D 147 -21.16 2.60 20.34
C ARG D 147 -21.56 3.02 18.94
N GLY D 148 -20.77 2.63 17.90
CA GLY D 148 -21.22 3.00 16.57
C GLY D 148 -20.22 2.51 15.54
N VAL D 149 -20.61 2.65 14.27
CA VAL D 149 -19.73 2.30 13.15
C VAL D 149 -19.89 3.47 12.15
N ILE D 150 -18.73 3.94 11.65
CA ILE D 150 -18.67 4.94 10.57
C ILE D 150 -18.00 4.30 9.36
N ILE D 151 -18.69 4.39 8.21
CA ILE D 151 -18.17 3.78 6.98
C ILE D 151 -18.02 4.89 5.97
N ASN D 152 -16.86 5.03 5.36
CA ASN D 152 -16.62 6.06 4.37
C ASN D 152 -16.45 5.45 2.98
N THR D 153 -16.63 6.26 1.95
CA THR D 153 -16.40 5.76 0.60
C THR D 153 -15.24 6.57 0.01
N ALA D 154 -14.14 5.84 -0.27
CA ALA D 154 -13.04 6.43 -1.01
C ALA D 154 -13.26 6.03 -2.44
N SER D 155 -12.20 5.40 -3.07
CA SER D 155 -12.27 4.99 -4.43
C SER D 155 -10.90 4.33 -4.78
N VAL D 156 -10.91 3.45 -5.79
CA VAL D 156 -9.60 3.00 -6.25
C VAL D 156 -8.74 4.14 -6.74
N ALA D 157 -9.37 5.30 -7.10
CA ALA D 157 -8.62 6.46 -7.49
C ALA D 157 -7.73 6.97 -6.43
N ALA D 158 -7.84 6.60 -5.16
CA ALA D 158 -6.86 6.96 -4.13
C ALA D 158 -5.51 6.26 -4.42
N PHE D 159 -5.55 5.18 -5.16
CA PHE D 159 -4.35 4.35 -5.42
C PHE D 159 -3.87 4.32 -6.84
N GLU D 160 -4.80 4.36 -7.82
CA GLU D 160 -4.48 4.32 -9.25
C GLU D 160 -5.24 5.50 -9.93
N GLY D 161 -5.12 6.71 -9.38
CA GLY D 161 -5.79 7.87 -10.04
C GLY D 161 -5.48 7.93 -11.51
N GLN D 162 -6.46 8.15 -12.37
CA GLN D 162 -6.24 8.23 -13.78
C GLN D 162 -5.93 9.68 -14.29
N VAL D 163 -5.50 9.78 -15.54
CA VAL D 163 -5.40 11.17 -16.13
C VAL D 163 -6.74 11.88 -15.87
N GLY D 164 -6.68 13.12 -15.47
CA GLY D 164 -7.90 13.88 -15.20
C GLY D 164 -8.47 13.76 -13.84
N GLN D 165 -7.92 12.84 -12.99
CA GLN D 165 -8.50 12.63 -11.69
C GLN D 165 -7.72 13.21 -10.53
N ALA D 166 -6.82 14.19 -10.79
CA ALA D 166 -6.09 14.75 -9.70
C ALA D 166 -6.96 15.16 -8.52
N ALA D 167 -8.01 15.97 -8.77
CA ALA D 167 -8.85 16.45 -7.65
C ALA D 167 -9.55 15.31 -6.93
N TYR D 168 -10.22 14.46 -7.73
CA TYR D 168 -10.94 13.31 -7.16
C TYR D 168 -9.96 12.42 -6.31
N SER D 169 -8.82 12.11 -6.96
CA SER D 169 -7.91 11.21 -6.20
C SER D 169 -7.35 11.90 -4.98
N ALA D 170 -7.07 13.26 -4.99
CA ALA D 170 -6.63 13.89 -3.79
C ALA D 170 -7.70 13.76 -2.69
N SER D 171 -8.96 14.00 -3.08
CA SER D 171 -10.02 13.92 -2.05
C SER D 171 -10.20 12.46 -1.50
N LYS D 172 -10.05 11.46 -2.37
CA LYS D 172 -10.23 10.07 -1.90
C LYS D 172 -8.97 9.57 -1.16
N GLY D 173 -7.81 10.06 -1.59
CA GLY D 173 -6.57 9.78 -0.80
C GLY D 173 -6.64 10.35 0.55
N GLY D 174 -7.31 11.53 0.68
CA GLY D 174 -7.50 12.16 1.97
C GLY D 174 -8.38 11.29 2.87
N ILE D 175 -9.44 10.71 2.31
CA ILE D 175 -10.31 9.83 3.11
C ILE D 175 -9.51 8.59 3.57
N VAL D 176 -8.69 8.03 2.64
CA VAL D 176 -7.87 6.87 3.06
C VAL D 176 -6.91 7.24 4.15
N GLY D 177 -6.23 8.42 3.95
CA GLY D 177 -5.21 8.79 4.93
C GLY D 177 -5.75 9.05 6.32
N MET D 178 -7.01 9.61 6.43
CA MET D 178 -7.56 9.91 7.74
C MET D 178 -8.32 8.72 8.38
N THR D 179 -8.44 7.60 7.63
CA THR D 179 -9.22 6.51 8.23
C THR D 179 -8.61 5.97 9.49
N LEU D 180 -7.27 5.69 9.48
CA LEU D 180 -6.65 5.18 10.70
C LEU D 180 -6.62 6.16 11.83
N PRO D 181 -6.18 7.41 11.65
CA PRO D 181 -6.19 8.33 12.83
C PRO D 181 -7.58 8.53 13.38
N ILE D 182 -8.62 8.55 12.55
CA ILE D 182 -9.96 8.73 13.16
C ILE D 182 -10.34 7.49 13.93
N ALA D 183 -9.98 6.26 13.40
CA ALA D 183 -10.28 5.07 14.15
C ALA D 183 -9.57 5.14 15.49
N ARG D 184 -8.29 5.58 15.49
CA ARG D 184 -7.54 5.62 16.76
C ARG D 184 -8.18 6.70 17.68
N ASP D 185 -8.59 7.83 17.13
CA ASP D 185 -9.22 8.86 17.97
C ASP D 185 -10.46 8.29 18.64
N LEU D 186 -11.30 7.55 17.91
CA LEU D 186 -12.62 7.14 18.44
C LEU D 186 -12.53 5.78 19.11
N ALA D 187 -11.36 5.14 19.16
CA ALA D 187 -11.29 3.79 19.81
C ALA D 187 -11.70 3.86 21.29
N PRO D 188 -11.42 4.93 22.04
CA PRO D 188 -11.79 4.92 23.47
C PRO D 188 -13.29 5.00 23.64
N ILE D 189 -14.12 5.37 22.66
CA ILE D 189 -15.58 5.38 22.88
C ILE D 189 -16.24 4.33 22.02
N GLY D 190 -15.45 3.41 21.41
CA GLY D 190 -15.99 2.24 20.70
C GLY D 190 -16.75 2.52 19.42
N ILE D 191 -16.16 3.40 18.57
CA ILE D 191 -16.75 3.66 17.25
C ILE D 191 -15.69 3.15 16.26
N ARG D 192 -16.09 2.16 15.47
CA ARG D 192 -15.21 1.66 14.41
C ARG D 192 -15.31 2.59 13.23
N VAL D 193 -14.22 2.69 12.47
CA VAL D 193 -14.14 3.55 11.30
C VAL D 193 -13.54 2.76 10.16
N VAL D 194 -14.23 2.50 9.08
CA VAL D 194 -13.80 1.66 7.98
C VAL D 194 -14.10 2.38 6.64
N THR D 195 -13.20 2.24 5.68
CA THR D 195 -13.47 2.90 4.41
C THR D 195 -13.54 1.89 3.35
N ILE D 196 -14.50 2.01 2.42
CA ILE D 196 -14.63 1.14 1.25
C ILE D 196 -14.11 1.93 0.06
N ALA D 197 -13.30 1.30 -0.80
CA ALA D 197 -12.78 1.91 -2.03
C ALA D 197 -13.38 1.22 -3.22
N PRO D 198 -14.48 1.72 -3.74
CA PRO D 198 -15.07 1.06 -4.88
C PRO D 198 -14.27 1.20 -6.15
N GLY D 199 -14.36 0.25 -7.09
CA GLY D 199 -13.77 0.46 -8.36
C GLY D 199 -14.78 1.22 -9.28
N LEU D 200 -15.30 0.56 -10.23
CA LEU D 200 -16.23 1.22 -11.19
C LEU D 200 -17.65 0.60 -10.99
N PHE D 201 -18.61 1.43 -10.65
CA PHE D 201 -19.97 0.95 -10.33
C PHE D 201 -20.99 1.57 -11.30
N ALA D 202 -22.03 0.82 -11.57
CA ALA D 202 -23.15 1.32 -12.40
C ALA D 202 -24.04 2.27 -11.60
N THR D 203 -23.67 3.56 -11.63
CA THR D 203 -24.45 4.59 -10.92
C THR D 203 -24.48 5.84 -11.85
N PRO D 204 -25.36 6.76 -11.48
CA PRO D 204 -25.46 8.04 -12.23
C PRO D 204 -24.18 8.82 -12.21
N LEU D 205 -23.17 8.52 -11.34
CA LEU D 205 -21.89 9.17 -11.38
C LEU D 205 -21.15 8.86 -12.68
N LEU D 206 -21.31 7.74 -13.38
CA LEU D 206 -20.55 7.49 -14.60
C LEU D 206 -20.58 8.47 -15.77
N THR D 207 -21.53 9.36 -15.86
CA THR D 207 -21.49 10.35 -16.93
C THR D 207 -20.23 11.20 -16.92
N THR D 208 -19.37 11.19 -15.91
CA THR D 208 -18.13 11.90 -15.82
C THR D 208 -17.07 11.48 -16.82
N LEU D 209 -17.04 10.20 -17.16
CA LEU D 209 -16.04 9.69 -18.11
C LEU D 209 -16.39 10.16 -19.51
N PRO D 210 -15.39 10.22 -20.39
CA PRO D 210 -15.52 10.67 -21.75
C PRO D 210 -16.83 10.32 -22.43
N ASP D 211 -17.04 9.05 -22.75
CA ASP D 211 -18.17 8.50 -23.45
C ASP D 211 -17.69 7.23 -24.17
N LYS D 212 -16.64 7.46 -24.99
CA LYS D 212 -16.05 6.31 -25.69
C LYS D 212 -15.14 5.61 -24.69
N VAL D 213 -15.08 6.16 -23.47
CA VAL D 213 -14.29 5.55 -22.40
C VAL D 213 -15.20 4.78 -21.44
N ARG D 214 -16.41 5.25 -21.25
CA ARG D 214 -17.38 4.54 -20.41
C ARG D 214 -17.93 3.29 -21.10
N ASN D 215 -18.08 3.42 -22.42
CA ASN D 215 -18.64 2.30 -23.19
C ASN D 215 -17.60 1.20 -23.26
N PHE D 216 -16.55 1.40 -22.47
CA PHE D 216 -15.38 0.54 -22.49
C PHE D 216 -14.93 -0.15 -21.22
N LEU D 217 -15.34 0.35 -20.09
CA LEU D 217 -14.98 -0.09 -18.76
C LEU D 217 -14.92 -1.57 -18.48
N ALA D 218 -15.86 -2.33 -19.03
CA ALA D 218 -16.10 -3.69 -18.54
C ALA D 218 -14.95 -4.60 -18.94
N SER D 219 -14.38 -4.28 -20.09
CA SER D 219 -13.23 -4.98 -20.60
C SER D 219 -12.07 -4.82 -19.64
N GLN D 220 -11.97 -3.76 -18.84
CA GLN D 220 -10.81 -3.62 -17.95
C GLN D 220 -10.95 -4.40 -16.63
N VAL D 221 -12.14 -4.84 -16.30
CA VAL D 221 -12.32 -5.47 -14.96
C VAL D 221 -12.10 -6.94 -15.09
N PRO D 222 -11.17 -7.55 -14.34
CA PRO D 222 -10.88 -8.99 -14.59
C PRO D 222 -12.12 -9.88 -14.34
N PHE D 223 -12.74 -9.83 -13.16
CA PHE D 223 -13.90 -10.67 -12.94
C PHE D 223 -14.58 -10.29 -11.62
N PRO D 224 -15.91 -10.20 -11.57
CA PRO D 224 -16.74 -10.25 -12.74
C PRO D 224 -16.44 -9.12 -13.74
N SER D 225 -16.53 -9.38 -15.04
CA SER D 225 -16.08 -8.46 -16.05
C SER D 225 -17.22 -7.51 -16.44
N ARG D 226 -17.44 -6.57 -15.52
CA ARG D 226 -18.59 -5.66 -15.67
C ARG D 226 -18.45 -4.56 -14.64
N LEU D 227 -19.29 -3.54 -14.73
CA LEU D 227 -19.35 -2.57 -13.66
C LEU D 227 -19.92 -3.27 -12.43
N GLY D 228 -19.56 -2.75 -11.27
CA GLY D 228 -20.12 -3.22 -10.00
C GLY D 228 -21.63 -2.88 -9.95
N ASP D 229 -22.36 -3.67 -9.19
CA ASP D 229 -23.77 -3.36 -9.00
C ASP D 229 -23.83 -2.74 -7.67
N PRO D 230 -24.52 -1.60 -7.53
CA PRO D 230 -24.64 -0.93 -6.26
C PRO D 230 -25.01 -1.85 -5.10
N ALA D 231 -25.84 -2.88 -5.32
CA ALA D 231 -26.21 -3.78 -4.24
C ALA D 231 -25.02 -4.56 -3.71
N GLU D 232 -23.94 -4.72 -4.52
CA GLU D 232 -22.74 -5.35 -3.96
C GLU D 232 -22.01 -4.45 -3.00
N TYR D 233 -21.99 -3.11 -3.30
CA TYR D 233 -21.49 -2.21 -2.25
C TYR D 233 -22.32 -2.27 -0.99
N ALA D 234 -23.67 -2.28 -1.17
CA ALA D 234 -24.51 -2.32 0.01
C ALA D 234 -24.23 -3.61 0.88
N HIS D 235 -24.05 -4.75 0.19
CA HIS D 235 -23.72 -5.98 0.97
C HIS D 235 -22.44 -5.80 1.73
N LEU D 236 -21.45 -5.10 1.10
CA LEU D 236 -20.21 -4.95 1.88
C LEU D 236 -20.40 -4.04 3.04
N VAL D 237 -21.23 -2.95 2.87
CA VAL D 237 -21.53 -2.15 4.01
C VAL D 237 -22.16 -2.98 5.14
N GLN D 238 -23.14 -3.83 4.79
CA GLN D 238 -23.72 -4.66 5.86
C GLN D 238 -22.65 -5.52 6.58
N MET D 239 -21.72 -6.12 5.79
CA MET D 239 -20.68 -6.94 6.48
C MET D 239 -19.83 -6.14 7.40
N VAL D 240 -19.52 -4.85 6.96
CA VAL D 240 -18.70 -4.01 7.84
C VAL D 240 -19.42 -3.67 9.09
N ILE D 241 -20.74 -3.36 9.01
CA ILE D 241 -21.49 -3.07 10.24
C ILE D 241 -21.57 -4.32 11.12
N GLU D 242 -21.66 -5.52 10.52
CA GLU D 242 -21.83 -6.71 11.38
C GLU D 242 -20.49 -7.10 12.03
N ASN D 243 -19.37 -6.96 11.33
CA ASN D 243 -18.13 -7.60 11.90
C ASN D 243 -17.48 -6.73 12.94
N PRO D 244 -17.41 -7.17 14.20
CA PRO D 244 -16.89 -6.33 15.27
C PRO D 244 -15.39 -6.01 15.25
N PHE D 245 -14.64 -6.78 14.43
CA PHE D 245 -13.19 -6.63 14.54
C PHE D 245 -12.65 -5.85 13.36
N LEU D 246 -13.45 -5.46 12.37
CA LEU D 246 -13.00 -4.68 11.21
C LEU D 246 -12.87 -3.20 11.59
N ASN D 247 -11.65 -2.62 11.55
CA ASN D 247 -11.50 -1.27 11.99
C ASN D 247 -10.21 -0.68 11.46
N GLY D 248 -10.26 0.57 11.04
CA GLY D 248 -9.06 1.31 10.60
C GLY D 248 -8.57 0.81 9.30
N GLU D 249 -9.41 0.20 8.47
CA GLU D 249 -8.99 -0.45 7.23
C GLU D 249 -9.71 0.14 6.01
N VAL D 250 -9.09 0.02 4.84
CA VAL D 250 -9.69 0.41 3.57
C VAL D 250 -9.77 -0.91 2.79
N ILE D 251 -10.99 -1.13 2.20
CA ILE D 251 -11.28 -2.33 1.46
C ILE D 251 -11.59 -1.98 0.01
N ARG D 252 -10.83 -2.51 -0.93
CA ARG D 252 -11.16 -2.34 -2.33
C ARG D 252 -12.32 -3.27 -2.73
N LEU D 253 -13.28 -2.73 -3.45
CA LEU D 253 -14.44 -3.51 -3.94
C LEU D 253 -14.56 -3.23 -5.41
N ASP D 254 -13.84 -3.99 -6.24
CA ASP D 254 -13.47 -3.61 -7.63
C ASP D 254 -13.30 -4.69 -8.64
N GLY D 255 -13.68 -5.97 -8.35
CA GLY D 255 -13.54 -6.97 -9.45
C GLY D 255 -12.06 -7.20 -9.84
N ALA D 256 -11.13 -6.80 -8.99
CA ALA D 256 -9.67 -6.94 -9.21
C ALA D 256 -9.13 -5.98 -10.29
N ILE D 257 -9.85 -4.90 -10.60
CA ILE D 257 -9.25 -3.91 -11.52
C ILE D 257 -8.12 -3.17 -10.89
N ARG D 258 -7.15 -2.74 -11.75
CA ARG D 258 -6.11 -1.76 -11.38
C ARG D 258 -6.24 -0.77 -12.53
N MET D 259 -6.39 0.50 -12.14
CA MET D 259 -6.72 1.45 -13.23
C MET D 259 -5.49 1.95 -14.01
N GLN D 260 -5.63 1.91 -15.32
CA GLN D 260 -4.61 2.42 -16.24
C GLN D 260 -4.89 3.95 -16.34
N PRO D 261 -3.82 4.63 -16.88
CA PRO D 261 -3.95 6.10 -17.06
C PRO D 261 -5.25 6.51 -17.81
PA NAD E . 19.61 -10.75 -15.42
O1A NAD E . 19.10 -12.09 -15.81
O2A NAD E . 20.30 -9.90 -16.41
O5B NAD E . 20.52 -10.82 -14.10
C5B NAD E . 20.16 -11.71 -13.01
C4B NAD E . 21.49 -12.36 -12.67
O4B NAD E . 21.19 -13.20 -11.53
C3B NAD E . 22.13 -13.25 -13.78
O3B NAD E . 23.49 -12.90 -13.96
C2B NAD E . 21.97 -14.65 -13.17
O2B NAD E . 23.01 -15.60 -13.49
C1B NAD E . 21.96 -14.41 -11.67
N9A NAD E . 21.31 -15.49 -10.91
C8A NAD E . 20.15 -16.18 -11.22
N7A NAD E . 19.95 -17.17 -10.40
C5A NAD E . 21.04 -17.19 -9.51
C6A NAD E . 21.42 -18.04 -8.46
N6A NAD E . 20.68 -19.05 -7.94
N1A NAD E . 22.52 -17.70 -7.76
C2A NAD E . 23.31 -16.65 -8.20
N3A NAD E . 23.04 -15.82 -9.18
C4A NAD E . 21.91 -16.14 -9.83
O3 NAD E . 18.31 -9.95 -14.89
PN NAD E . 18.09 -8.60 -14.14
O1N NAD E . 16.99 -7.93 -14.91
O2N NAD E . 19.35 -7.83 -13.91
O5D NAD E . 17.58 -9.03 -12.68
C5D NAD E . 18.11 -8.45 -11.45
C4D NAD E . 17.00 -8.47 -10.41
O4D NAD E . 16.04 -7.46 -10.90
C3D NAD E . 16.25 -9.83 -10.38
O3D NAD E . 15.94 -10.03 -9.00
C2D NAD E . 14.98 -9.50 -11.15
O2D NAD E . 13.92 -10.35 -10.61
C1D NAD E . 14.77 -8.03 -10.75
N1N NAD E . 13.92 -7.25 -11.65
C2N NAD E . 14.19 -7.12 -12.95
C3N NAD E . 13.34 -6.38 -13.74
C7N NAD E . 13.54 -6.11 -15.23
O7N NAD E . 12.74 -5.65 -15.99
N7N NAD E . 14.81 -6.40 -15.72
C4N NAD E . 12.13 -5.77 -13.22
C5N NAD E . 11.95 -6.01 -11.87
C6N NAD E . 12.77 -6.69 -10.97
C TRS F . 5.85 3.00 -0.49
C1 TRS F . 4.97 2.81 -1.88
C2 TRS F . 5.81 1.71 0.21
C3 TRS F . 5.13 4.08 0.29
N TRS F . 6.98 3.32 -1.30
O1 TRS F . 5.95 1.86 -2.47
O2 TRS F . 6.16 2.03 1.58
O3 TRS F . 3.67 3.82 0.42
S SO4 G . 24.37 -26.19 0.61
O1 SO4 G . 24.10 -27.65 1.04
O2 SO4 G . 23.04 -25.41 0.94
O3 SO4 G . 24.87 -26.27 -0.80
O4 SO4 G . 25.23 -25.60 1.65
S SO4 H . 32.54 -2.32 18.12
O1 SO4 H . 31.53 -2.67 19.14
O2 SO4 H . 33.00 -0.90 18.24
O3 SO4 H . 31.94 -2.58 16.76
O4 SO4 H . 33.77 -3.21 18.22
PA NAD I . -3.94 -22.99 14.58
O1A NAD I . -2.64 -23.54 14.99
O2A NAD I . -5.07 -23.03 15.56
O5B NAD I . -4.48 -23.62 13.27
C5B NAD I . -3.55 -23.83 12.14
C4B NAD I . -3.90 -25.22 11.61
O4B NAD I . -3.10 -25.42 10.41
C3B NAD I . -3.63 -26.40 12.62
O3B NAD I . -4.79 -27.22 12.74
C2B NAD I . -2.47 -27.14 11.89
O2B NAD I . -2.43 -28.52 12.13
C1B NAD I . -2.70 -26.82 10.41
N9A NAD I . -1.47 -26.95 9.66
C8A NAD I . -0.19 -26.54 9.97
N7A NAD I . 0.68 -26.96 9.06
C5A NAD I . -0.01 -27.71 8.15
C6A NAD I . 0.33 -28.44 7.04
N6A NAD I . 1.63 -28.53 6.56
N1A NAD I . -0.62 -29.08 6.37
C2A NAD I . -1.93 -29.04 6.82
N3A NAD I . -2.36 -28.41 7.90
C4A NAD I . -1.36 -27.75 8.53
O3 NAD I . -3.68 -21.45 14.23
PN NAD I . -4.53 -20.33 13.51
O1N NAD I . -4.33 -19.15 14.34
O2N NAD I . -5.92 -20.78 13.32
O5D NAD I . -3.81 -20.24 12.09
C5D NAD I . -4.64 -20.12 10.89
C4D NAD I . -3.98 -19.16 9.91
O4D NAD I . -4.15 -17.81 10.45
C3D NAD I . -2.45 -19.41 9.77
O3D NAD I . -2.22 -19.23 8.35
C2D NAD I . -1.94 -18.32 10.62
O2D NAD I . -0.61 -17.99 10.13
C1D NAD I . -2.87 -17.15 10.33
N1N NAD I . -2.88 -16.09 11.32
C2N NAD I . -3.12 -16.28 12.60
C3N NAD I . -3.10 -15.25 13.48
C7N NAD I . -3.42 -15.34 14.99
O7N NAD I . -3.25 -14.43 15.78
N7N NAD I . -3.99 -16.50 15.35
C4N NAD I . -2.85 -13.87 13.06
C5N NAD I . -2.61 -13.79 11.67
C6N NAD I . -2.57 -14.80 10.75
C TRS J . -5.73 -2.54 1.20
C1 TRS J . -6.34 -1.36 0.45
C2 TRS J . -5.13 -2.14 2.54
C3 TRS J . -4.94 -3.29 0.24
N TRS J . -6.95 -3.36 1.76
O1 TRS J . -5.26 -0.33 0.26
O2 TRS J . -4.95 -3.54 2.94
O3 TRS J . -5.41 -3.27 -1.09
S SO4 K . 4.55 -35.10 -3.04
O1 SO4 K . 4.53 -35.45 -1.57
O2 SO4 K . 4.71 -33.49 -3.15
O3 SO4 K . 3.47 -35.53 -3.86
O4 SO4 K . 5.83 -35.71 -3.53
PA NAD L . 8.94 24.21 9.14
O1A NAD L . 7.88 24.83 9.91
O2A NAD L . 10.32 24.36 9.65
O5B NAD L . 8.89 24.65 7.63
C5B NAD L . 7.66 24.80 6.92
C4B NAD L . 7.70 26.17 6.21
O4B NAD L . 6.45 26.21 5.50
C3B NAD L . 7.80 27.35 7.17
O3B NAD L . 8.87 28.23 6.79
C2B NAD L . 6.42 28.02 7.05
O2B NAD L . 6.47 29.47 7.13
C1B NAD L . 6.05 27.60 5.61
N9A NAD L . 4.62 27.69 5.35
C8A NAD L . 3.57 27.37 6.22
N7A NAD L . 2.41 27.68 5.66
C5A NAD L . 2.67 28.37 4.51
C6A NAD L . 1.88 28.94 3.50
N6A NAD L . 0.53 28.99 3.56
N1A NAD L . 2.50 29.42 2.40
C2A NAD L . 3.89 29.38 2.29
N3A NAD L . 4.70 28.87 3.21
C4A NAD L . 4.05 28.36 4.27
O3 NAD L . 8.59 22.65 9.08
PN NAD L . 9.18 21.45 8.19
O1N NAD L . 9.33 20.34 9.13
O2N NAD L . 10.33 21.90 7.40
O5D NAD L . 7.95 21.11 7.18
C5D NAD L . 8.27 20.88 5.78
C4D NAD L . 7.25 19.91 5.24
O4D NAD L . 7.66 18.63 5.82
C3D NAD L . 5.81 20.18 5.67
O3D NAD L . 4.98 19.84 4.54
C2D NAD L . 5.61 19.18 6.76
O2D NAD L . 4.23 18.82 6.88
C1D NAD L . 6.45 18.01 6.28
N1N NAD L . 6.88 17.03 7.29
C2N NAD L . 7.59 17.40 8.38
C3N NAD L . 8.00 16.47 9.26
C7N NAD L . 8.85 16.74 10.51
O7N NAD L . 8.96 15.86 11.36
N7N NAD L . 9.49 17.94 10.56
C4N NAD L . 7.63 15.06 9.19
C5N NAD L . 6.83 14.79 8.07
C6N NAD L . 6.41 15.70 7.13
S SO4 M . -5.74 35.11 -3.79
O1 SO4 M . -6.34 33.98 -3.01
O2 SO4 M . -6.85 36.11 -4.10
O3 SO4 M . -5.19 34.60 -5.09
O4 SO4 M . -4.77 35.80 -2.93
C TRS N . -9.37 32.25 -6.05
C1 TRS N . -10.20 32.09 -7.30
C2 TRS N . -10.41 32.22 -4.87
C3 TRS N . -8.48 33.52 -5.94
N TRS N . -8.47 31.02 -5.97
O1 TRS N . -10.86 30.82 -7.37
O2 TRS N . -9.75 32.22 -3.58
O3 TRS N . -9.28 34.64 -6.30
PA NAD O . -24.35 9.30 -7.30
O1A NAD O . -24.12 10.61 -8.03
O2A NAD O . -25.36 8.39 -7.88
O5B NAD O . -24.64 9.60 -5.81
C5B NAD O . -23.89 10.56 -4.98
C4B NAD O . -24.97 11.31 -4.21
O4B NAD O . -24.26 12.23 -3.41
C3B NAD O . -25.96 12.08 -5.09
O3B NAD O . -27.34 11.78 -4.70
C2B NAD O . -25.64 13.54 -4.75
O2B NAD O . -26.78 14.43 -4.75
C1B NAD O . -25.04 13.41 -3.33
N9A NAD O . -24.21 14.56 -3.04
C8A NAD O . -23.26 15.19 -3.88
N7A NAD O . -22.79 16.26 -3.28
C5A NAD O . -23.41 16.40 -2.07
C6A NAD O . -23.32 17.31 -1.01
N6A NAD O . -22.47 18.38 -0.99
N1A NAD O . -24.12 17.12 0.09
C2A NAD O . -24.94 16.05 0.09
N3A NAD O . -25.13 15.13 -0.84
C4A NAD O . -24.30 15.34 -1.91
O3 NAD O . -22.90 8.57 -7.30
PN NAD O . -22.41 7.29 -6.55
O1N NAD O . -21.65 6.50 -7.58
O2N NAD O . -23.42 6.64 -5.72
O5D NAD O . -21.32 7.92 -5.44
C5D NAD O . -21.31 7.49 -4.09
C4D NAD O . -19.90 7.55 -3.56
O4D NAD O . -19.21 6.47 -4.31
C3D NAD O . -19.21 8.84 -3.98
O3D NAD O . -18.42 9.19 -2.84
C2D NAD O . -18.33 8.43 -5.13
O2D NAD O . -17.18 9.29 -5.14
C1D NAD O . -17.95 7.00 -4.67
N1N NAD O . -17.55 6.10 -5.81
C2N NAD O . -18.36 5.88 -6.85
C3N NAD O . -17.85 5.06 -7.84
C7N NAD O . -18.58 4.63 -9.12
O7N NAD O . -18.04 4.07 -10.07
N7N NAD O . -19.91 4.92 -9.09
C4N NAD O . -16.53 4.48 -7.86
C5N NAD O . -15.80 4.82 -6.69
C6N NAD O . -16.19 5.63 -5.66
O1 AAE P . -15.39 9.20 -13.12
C2 AAE P . -14.98 8.35 -12.34
O3 AAE P . -14.53 7.26 -12.73
C4 AAE P . -15.01 8.60 -10.83
C5 AAE P . -15.48 7.31 -10.15
O8 AAE P . -15.10 6.96 -9.08
C9 AAE P . -16.43 6.43 -11.01
S SO4 Q . -22.47 26.47 7.53
O1 SO4 Q . -23.53 26.47 6.51
O2 SO4 Q . -22.16 27.90 7.93
O3 SO4 Q . -21.20 25.62 7.30
O4 SO4 Q . -23.10 25.83 8.74
#